data_5ND4
#
_entry.id   5ND4
#
loop_
_entity.id
_entity.type
_entity.pdbx_description
1 polymer 'Kinesin-like protein KIF20A'
2 polymer 'Tubulin alpha chain'
3 polymer 'Tubulin beta-2B chain'
4 non-polymer "ADENOSINE-5'-DIPHOSPHATE"
5 non-polymer 'MAGNESIUM ION'
6 non-polymer 'TETRAFLUOROALUMINATE ION'
7 non-polymer "GUANOSINE-5'-TRIPHOSPHATE"
8 non-polymer "GUANOSINE-5'-DIPHOSPHATE"
9 non-polymer TAXOL
#
loop_
_entity_poly.entity_id
_entity_poly.type
_entity_poly.pdbx_seq_one_letter_code
_entity_poly.pdbx_strand_id
1 'polypeptide(L)'
;SPILESTAADLRSVVRKDLLSDCSVISASLEDKQALLEDTSEKVKVYLRIRPFLTSELDRQEDQGCVCIENTETLVLQAP
KDSFALKSNERGVGQATHKFTFSQIFGPEVGQVAFFNLTMKEMVKDVLKGQNWLIYTYGVTNSGKTYTIQGTSKDAGILP
QSLALIFNSLQGQLHPTPDLKPLLSNEVIWLDSKQIRQEEMKKLSLLIGGLQEEELSTSVKKRVHTESRIGASNSFDSGV
AGLSSTSQFTSSSQLDETSQLWAQPDTVPVSVPADIRFSVWISFFEIYNELLYDLLEPPSHQHKRQTLRLCEDQNGNPYV
KDLNWIHVRDVEEAWKLLKVGRKNQSFASTHMNQQSSRSHSIFSIRILHLQGEGDIVPKISELSLCDLAGSERCKHQKSG
ERLKEAGNINTSLHTLGRCIAALRQNQQNRSKQNLIPFRDSKLTRVFQGFFTGRGRSCMIVNVNPCASTYDETLHAAKFS
ALASQLVHAPPVHLGIPSLHS
;
C
2 'polypeptide(L)'
;RECISIHVGQAGVQIGNACWELYCLEHGIQPDGHVPRAVFVDLEPTVIDEVRTGTYRQLFHPEQLITGKEDAANNYARGH
YTIGKEIIDLVLDRIRKLADQCTGLQGFSVFHSFGGGTGSGFTSLLMERLSVDYGKKSKLEFSIYPAPQVSTAVVEPYNS
ILTTHTTLEHSDCAFMVDNEAIYDICRRNLDIERPTYTNLNRLIGQIVSSITASLRFDGALNVDLTEFQTNLVPYPRGHF
PLATYAPVISAEKAYHEQLSVAEITNACFEPANQMVKCDPRHGKYMACCLLYRGDVVPKDVNAAIATIKTKRTIQFVDWC
PTGFKVGINYEPPTVVPGGDLAKVQRAVCMLSNTTAIAEAWARLDHKFDLMYAKRAFVHWYVGEGMEEGEFSEAREDMAA
LEKDYEEVGVDS
;
A
3 'polypeptide(L)'
;REIVHIQAGQCGNQIGAKFWEVISDEHGIDPTGSYHGDSDLQLERINVYYNEAAGNKYVPRAILVDLEPGTMDSVRSGPF
GQIFRPDNFVFGQSGAGNNWAKGHYTEGAELVDSVLDVVRKESESCDCLQGFQLTHSLGGGTGSGMGTLLISKIREEYPD
RIMNTFSVVPSPKVSDTVVEPYNATLSVHQLVENTDETYCIDNEALYDICFRTLKLTTPTYGDLNHLVSATMSGVTTCLR
FPGQLNADLRKLAVNMVPFPRLHFFMPGFAPLTSRGSQQYRALTVPELTQQMFDAKNMMAACDPRHGRYLTVAAVFRGRM
SMKEVDEQMLNVQNKNSSYFVEWIPNNVKTAVCDIPPRGLKMSATFIGNSTAIQELFKRISEQFTAMFRRKAFLHWYTGE
GMDEMEFTEAESNMNDLVSEYQQYQD
;
B
#
loop_
_chem_comp.id
_chem_comp.type
_chem_comp.name
_chem_comp.formula
ADP non-polymer ADENOSINE-5'-DIPHOSPHATE 'C10 H15 N5 O10 P2'
ALF non-polymer 'TETRAFLUOROALUMINATE ION' 'Al F4 -1'
GDP RNA linking GUANOSINE-5'-DIPHOSPHATE 'C10 H15 N5 O11 P2'
GTP non-polymer GUANOSINE-5'-TRIPHOSPHATE 'C10 H16 N5 O14 P3'
MG non-polymer 'MAGNESIUM ION' 'Mg 2'
TA1 non-polymer TAXOL 'C47 H51 N O14'
#
# COMPACT_ATOMS: atom_id res chain seq x y z
N SER A 41 -28.01 -0.92 29.18
CA SER A 41 -26.88 -0.78 28.27
C SER A 41 -25.58 -0.93 29.06
N GLU A 42 -25.27 0.07 29.88
CA GLU A 42 -24.08 0.07 30.73
C GLU A 42 -22.77 0.04 29.93
N LYS A 43 -21.71 0.59 30.52
CA LYS A 43 -20.41 0.59 29.86
C LYS A 43 -19.88 -0.84 29.82
N VAL A 44 -19.10 -1.15 28.79
CA VAL A 44 -18.55 -2.49 28.67
C VAL A 44 -17.73 -2.85 29.90
N LYS A 45 -17.94 -4.05 30.42
CA LYS A 45 -17.17 -4.48 31.56
C LYS A 45 -15.76 -4.75 31.10
N VAL A 46 -14.81 -4.08 31.70
CA VAL A 46 -13.43 -4.27 31.33
C VAL A 46 -12.55 -4.49 32.53
N TYR A 47 -11.68 -5.45 32.44
CA TYR A 47 -10.77 -5.74 33.53
C TYR A 47 -9.37 -5.80 32.96
N LEU A 48 -8.40 -5.29 33.70
CA LEU A 48 -7.04 -5.30 33.24
C LEU A 48 -6.19 -6.20 34.10
N ARG A 49 -5.41 -7.05 33.46
CA ARG A 49 -4.54 -7.94 34.20
C ARG A 49 -3.16 -7.97 33.58
N ILE A 50 -2.17 -8.23 34.41
CA ILE A 50 -0.80 -8.30 33.96
C ILE A 50 -0.26 -9.66 34.32
N ARG A 51 0.73 -10.12 33.59
CA ARG A 51 1.30 -11.41 33.86
C ARG A 51 2.63 -11.16 34.56
N PRO A 52 3.04 -12.06 35.46
CA PRO A 52 4.30 -11.89 36.17
C PRO A 52 5.47 -12.13 35.25
N PHE A 53 6.58 -11.48 35.52
CA PHE A 53 7.74 -11.67 34.70
C PHE A 53 8.25 -13.09 34.89
N LEU A 54 8.53 -13.76 33.79
CA LEU A 54 9.04 -15.11 33.87
C LEU A 54 10.47 -15.07 34.33
N THR A 55 10.97 -16.14 34.93
CA THR A 55 12.34 -16.16 35.39
C THR A 55 13.30 -15.92 34.21
N SER A 56 13.02 -16.58 33.08
CA SER A 56 13.83 -16.41 31.89
C SER A 56 13.73 -14.97 31.37
N GLU A 57 12.52 -14.40 31.46
CA GLU A 57 12.27 -13.03 31.04
C GLU A 57 13.06 -12.06 31.90
N LEU A 58 12.99 -12.26 33.21
CA LEU A 58 13.71 -11.44 34.18
C LEU A 58 15.20 -11.50 33.92
N ASP A 59 15.70 -12.70 33.63
CA ASP A 59 17.12 -12.90 33.34
C ASP A 59 17.53 -12.13 32.10
N ARG A 60 16.70 -12.19 31.06
CA ARG A 60 16.97 -11.49 29.80
C ARG A 60 17.14 -10.00 30.05
N GLN A 61 16.16 -9.41 30.73
CA GLN A 61 16.19 -8.00 31.05
C GLN A 61 15.27 -7.79 32.25
N GLU A 62 15.74 -7.09 33.27
CA GLU A 62 14.92 -6.88 34.45
C GLU A 62 14.60 -5.42 34.67
N ASP A 63 13.43 -5.03 34.21
CA ASP A 63 12.93 -3.68 34.42
C ASP A 63 11.54 -3.81 35.03
N GLN A 64 11.46 -3.61 36.34
CA GLN A 64 10.21 -3.74 37.04
C GLN A 64 9.74 -2.40 37.58
N GLY A 65 8.53 -2.39 38.10
CA GLY A 65 7.96 -1.17 38.63
C GLY A 65 7.28 -0.36 37.55
N CYS A 66 7.18 -0.94 36.36
CA CYS A 66 6.53 -0.28 35.24
C CYS A 66 5.05 -0.11 35.55
N VAL A 67 4.46 -1.18 36.03
CA VAL A 67 3.07 -1.17 36.42
C VAL A 67 2.99 -1.19 37.94
N CYS A 68 2.20 -0.30 38.49
CA CYS A 68 2.02 -0.21 39.92
C CYS A 68 0.54 -0.29 40.23
N ILE A 69 0.15 -0.71 41.44
CA ILE A 69 -1.26 -0.76 41.66
C ILE A 69 -1.72 0.21 42.68
N GLU A 70 -2.76 0.98 42.31
CA GLU A 70 -3.35 1.93 43.19
C GLU A 70 -4.81 1.63 43.17
N ASN A 71 -5.35 1.11 44.29
CA ASN A 71 -6.75 0.82 44.31
C ASN A 71 -7.01 -0.32 43.38
N THR A 72 -8.03 -1.15 43.69
CA THR A 72 -8.34 -2.27 42.82
C THR A 72 -8.86 -1.86 41.45
N GLU A 73 -9.66 -0.78 41.40
CA GLU A 73 -10.20 -0.29 40.17
C GLU A 73 -9.12 0.29 39.29
N THR A 74 -8.12 1.02 39.85
CA THR A 74 -7.27 1.77 38.99
C THR A 74 -5.85 1.29 39.03
N LEU A 75 -5.09 1.59 37.95
CA LEU A 75 -3.70 1.26 37.90
C LEU A 75 -2.91 2.52 37.73
N VAL A 76 -1.72 2.56 38.36
CA VAL A 76 -0.79 3.68 38.21
C VAL A 76 0.41 3.18 37.42
N LEU A 77 0.92 3.96 36.48
CA LEU A 77 2.04 3.51 35.69
C LEU A 77 3.24 4.45 35.65
N GLN A 78 4.43 3.85 35.88
CA GLN A 78 5.71 4.50 35.77
C GLN A 78 6.55 3.47 35.08
N ALA A 79 7.03 3.74 33.85
CA ALA A 79 7.79 2.72 33.18
C ALA A 79 9.18 3.20 32.93
N PRO A 80 10.07 2.30 33.31
CA PRO A 80 11.48 2.45 33.04
C PRO A 80 11.84 1.91 31.68
N LYS A 81 12.97 2.36 31.12
CA LYS A 81 13.48 1.88 29.83
C LYS A 81 14.92 2.31 29.60
N ASP A 82 15.57 1.68 28.63
CA ASP A 82 16.94 2.01 28.26
C ASP A 82 17.02 3.48 27.86
N SER A 83 16.05 3.92 27.07
CA SER A 83 16.01 5.31 26.61
C SER A 83 14.56 5.78 26.51
N PHE A 84 14.36 7.08 26.67
CA PHE A 84 13.03 7.67 26.55
C PHE A 84 12.79 8.07 25.11
N ALA A 85 11.55 8.40 24.76
CA ALA A 85 11.24 8.84 23.39
C ALA A 85 12.05 10.09 23.11
N LEU A 86 12.68 10.17 21.96
CA LEU A 86 13.49 11.33 21.68
C LEU A 86 12.64 12.51 21.21
N LYS A 87 12.46 13.43 22.14
CA LYS A 87 11.69 14.66 21.95
C LYS A 87 11.92 15.47 23.21
N SER A 88 11.12 16.50 23.43
CA SER A 88 11.16 17.20 24.70
C SER A 88 10.61 16.14 25.65
N ASN A 89 10.92 16.15 26.93
CA ASN A 89 10.41 15.07 27.77
C ASN A 89 8.87 15.04 27.78
N GLU A 90 8.30 14.00 27.18
CA GLU A 90 6.86 13.80 27.13
C GLU A 90 6.56 12.35 27.43
N ARG A 91 5.52 11.79 26.81
CA ARG A 91 5.21 10.39 27.03
C ARG A 91 6.33 9.53 26.44
N GLY A 92 7.27 9.13 27.27
CA GLY A 92 8.33 8.25 26.82
C GLY A 92 8.34 6.97 27.61
N VAL A 93 9.14 6.01 27.20
CA VAL A 93 9.27 4.78 27.97
C VAL A 93 10.35 4.93 29.04
N GLY A 94 11.20 5.95 28.88
CA GLY A 94 12.30 6.17 29.82
C GLY A 94 11.84 6.31 31.26
N GLN A 95 11.00 7.32 31.50
CA GLN A 95 10.48 7.53 32.81
C GLN A 95 9.26 8.35 32.61
N ALA A 96 8.08 7.78 32.80
CA ALA A 96 6.94 8.63 32.60
C ALA A 96 5.82 8.10 33.44
N THR A 97 4.77 8.91 33.66
CA THR A 97 3.70 8.43 34.46
C THR A 97 2.45 8.46 33.65
N HIS A 98 1.55 7.50 33.91
CA HIS A 98 0.29 7.37 33.19
C HIS A 98 -0.75 6.83 34.15
N LYS A 99 -2.01 7.00 33.81
CA LYS A 99 -3.10 6.52 34.65
C LYS A 99 -4.01 5.61 33.86
N PHE A 100 -4.45 4.53 34.49
CA PHE A 100 -5.34 3.59 33.84
C PHE A 100 -6.63 3.49 34.64
N THR A 101 -7.75 3.48 33.94
CA THR A 101 -9.04 3.35 34.59
C THR A 101 -9.79 2.14 34.04
N PHE A 102 -10.13 1.23 34.93
CA PHE A 102 -10.83 0.01 34.56
C PHE A 102 -11.78 -0.40 35.68
N SER A 103 -12.65 -1.34 35.40
CA SER A 103 -13.56 -1.83 36.42
C SER A 103 -12.75 -2.50 37.53
N GLN A 104 -11.88 -3.42 37.14
CA GLN A 104 -11.02 -4.12 38.08
C GLN A 104 -9.68 -4.47 37.44
N ILE A 105 -8.64 -4.54 38.26
CA ILE A 105 -7.32 -4.91 37.78
C ILE A 105 -6.77 -6.07 38.60
N PHE A 106 -6.08 -6.98 37.95
CA PHE A 106 -5.52 -8.14 38.63
C PHE A 106 -4.00 -8.08 38.68
N GLY A 107 -3.42 -8.57 39.78
CA GLY A 107 -1.98 -8.56 39.91
C GLY A 107 -1.33 -9.77 39.27
N PRO A 108 0.00 -9.79 39.18
CA PRO A 108 0.76 -10.90 38.60
C PRO A 108 0.66 -12.21 39.40
N GLU A 109 0.50 -12.05 40.71
CA GLU A 109 0.44 -13.18 41.65
C GLU A 109 -0.73 -14.13 41.44
N VAL A 110 -1.94 -13.62 41.30
CA VAL A 110 -3.11 -14.50 41.15
C VAL A 110 -3.40 -14.81 39.68
N GLY A 111 -4.00 -15.96 39.44
CA GLY A 111 -4.32 -16.36 38.08
C GLY A 111 -5.79 -16.27 37.72
N GLN A 112 -6.29 -17.33 37.10
CA GLN A 112 -7.68 -17.40 36.65
C GLN A 112 -8.71 -17.48 37.77
N VAL A 113 -8.35 -18.10 38.88
CA VAL A 113 -9.27 -18.26 40.01
C VAL A 113 -9.86 -16.92 40.43
N ALA A 114 -9.05 -15.86 40.46
CA ALA A 114 -9.54 -14.54 40.84
C ALA A 114 -10.58 -14.06 39.83
N PHE A 115 -10.31 -14.30 38.55
CA PHE A 115 -11.22 -13.90 37.48
C PHE A 115 -12.53 -14.67 37.61
N PHE A 116 -12.39 -15.94 37.98
CA PHE A 116 -13.52 -16.84 38.16
C PHE A 116 -14.45 -16.33 39.26
N ASN A 117 -13.84 -15.81 40.32
CA ASN A 117 -14.60 -15.30 41.45
C ASN A 117 -15.54 -14.17 41.05
N LEU A 118 -14.99 -13.06 40.57
CA LEU A 118 -15.82 -11.93 40.16
C LEU A 118 -16.54 -12.08 38.81
N THR A 119 -15.77 -12.31 37.76
CA THR A 119 -16.28 -12.37 36.38
C THR A 119 -17.06 -13.64 36.00
N MET A 120 -16.50 -14.80 36.28
CA MET A 120 -17.13 -16.05 35.86
C MET A 120 -18.52 -16.27 36.43
N LYS A 121 -18.70 -15.99 37.71
CA LYS A 121 -19.99 -16.19 38.35
C LYS A 121 -21.10 -15.33 37.74
N GLU A 122 -20.89 -14.03 37.66
CA GLU A 122 -21.91 -13.11 37.14
C GLU A 122 -22.15 -13.20 35.63
N MET A 123 -21.08 -13.32 34.85
CA MET A 123 -21.22 -13.38 33.39
C MET A 123 -22.05 -14.57 32.93
N VAL A 124 -21.84 -15.71 33.56
CA VAL A 124 -22.58 -16.92 33.21
C VAL A 124 -24.07 -16.79 33.54
N LYS A 125 -24.37 -16.06 34.63
CA LYS A 125 -25.76 -15.86 35.08
C LYS A 125 -26.57 -15.14 34.01
N ASP A 126 -25.95 -14.18 33.33
CA ASP A 126 -26.62 -13.41 32.28
C ASP A 126 -27.06 -14.33 31.15
N VAL A 127 -26.17 -15.24 30.78
CA VAL A 127 -26.45 -16.20 29.71
C VAL A 127 -27.62 -17.09 30.12
N LEU A 128 -27.61 -17.56 31.36
CA LEU A 128 -28.70 -18.41 31.86
C LEU A 128 -30.01 -17.63 31.82
N LYS A 129 -29.89 -16.33 32.11
CA LYS A 129 -31.02 -15.41 32.10
C LYS A 129 -31.64 -15.35 30.70
N GLY A 130 -30.81 -15.66 29.71
CA GLY A 130 -31.24 -15.63 28.33
C GLY A 130 -30.60 -14.47 27.60
N GLN A 131 -29.97 -13.58 28.35
CA GLN A 131 -29.26 -12.46 27.76
C GLN A 131 -28.00 -12.97 27.06
N ASN A 132 -27.70 -12.39 25.91
CA ASN A 132 -26.51 -12.79 25.17
C ASN A 132 -25.27 -12.25 25.86
N TRP A 133 -24.21 -13.03 25.90
CA TRP A 133 -22.97 -12.60 26.54
C TRP A 133 -21.76 -13.00 25.69
N LEU A 134 -20.74 -12.16 25.67
CA LEU A 134 -19.54 -12.45 24.91
C LEU A 134 -18.33 -11.88 25.63
N ILE A 135 -17.29 -12.68 25.72
CA ILE A 135 -16.05 -12.28 26.36
C ILE A 135 -14.87 -12.65 25.48
N TYR A 136 -13.92 -11.76 25.36
CA TYR A 136 -12.74 -12.04 24.56
C TYR A 136 -11.51 -11.51 25.26
N THR A 137 -10.37 -12.05 24.89
CA THR A 137 -9.11 -11.60 25.47
C THR A 137 -8.34 -10.81 24.44
N TYR A 138 -7.85 -9.66 24.86
CA TYR A 138 -7.09 -8.80 23.98
C TYR A 138 -5.79 -8.39 24.67
N GLY A 139 -4.74 -8.29 23.90
CA GLY A 139 -3.49 -7.89 24.43
C GLY A 139 -2.37 -8.14 23.44
N VAL A 140 -1.21 -7.61 23.75
CA VAL A 140 -0.05 -7.77 22.92
C VAL A 140 0.52 -9.17 23.09
N THR A 141 1.39 -9.59 22.18
CA THR A 141 2.02 -10.89 22.28
C THR A 141 2.74 -11.02 23.62
N ASN A 142 2.82 -12.24 24.12
CA ASN A 142 3.47 -12.57 25.40
C ASN A 142 2.69 -12.06 26.60
N SER A 143 1.47 -11.57 26.36
CA SER A 143 0.59 -11.12 27.43
C SER A 143 -0.03 -12.31 28.16
N GLY A 144 0.09 -13.48 27.53
CA GLY A 144 -0.47 -14.70 28.09
C GLY A 144 -1.98 -14.77 27.89
N LYS A 145 -2.48 -14.33 26.71
CA LYS A 145 -3.89 -14.46 26.49
C LYS A 145 -4.39 -15.90 26.53
N THR A 146 -3.64 -16.89 25.99
CA THR A 146 -4.08 -18.29 26.02
C THR A 146 -4.23 -18.75 27.48
N TYR A 147 -3.40 -18.18 28.34
CA TYR A 147 -3.42 -18.50 29.77
C TYR A 147 -4.78 -18.15 30.36
N THR A 148 -5.27 -16.96 30.02
CA THR A 148 -6.57 -16.51 30.51
C THR A 148 -7.70 -17.36 29.92
N ILE A 149 -7.67 -17.54 28.60
CA ILE A 149 -8.70 -18.29 27.91
C ILE A 149 -8.74 -19.79 28.24
N GLN A 150 -7.69 -20.51 27.88
CA GLN A 150 -7.65 -21.95 28.13
C GLN A 150 -7.22 -22.27 29.55
N GLY A 151 -6.11 -21.65 29.96
CA GLY A 151 -5.60 -21.90 31.28
C GLY A 151 -4.71 -23.15 31.28
N THR A 152 -3.99 -23.37 32.34
CA THR A 152 -3.15 -24.54 32.46
C THR A 152 -3.95 -25.68 33.11
N SER A 153 -3.40 -26.88 33.13
CA SER A 153 -4.09 -28.00 33.73
C SER A 153 -4.34 -27.73 35.22
N LYS A 154 -3.31 -27.19 35.88
CA LYS A 154 -3.41 -26.87 37.30
C LYS A 154 -4.37 -25.68 37.55
N ASP A 155 -4.26 -24.66 36.71
CA ASP A 155 -5.12 -23.47 36.82
C ASP A 155 -6.03 -23.34 35.62
N ALA A 156 -7.28 -23.79 35.75
CA ALA A 156 -8.24 -23.71 34.65
C ALA A 156 -8.49 -22.27 34.26
N GLY A 157 -8.67 -22.03 32.97
CA GLY A 157 -8.88 -20.68 32.49
C GLY A 157 -10.33 -20.23 32.57
N ILE A 158 -10.62 -19.12 31.91
CA ILE A 158 -11.96 -18.54 31.90
C ILE A 158 -12.99 -19.51 31.32
N LEU A 159 -12.65 -20.14 30.21
CA LEU A 159 -13.56 -21.08 29.55
C LEU A 159 -13.92 -22.28 30.43
N PRO A 160 -12.92 -23.02 30.97
CA PRO A 160 -13.21 -24.17 31.83
C PRO A 160 -13.94 -23.78 33.11
N GLN A 161 -13.63 -22.60 33.63
CA GLN A 161 -14.28 -22.12 34.85
C GLN A 161 -15.74 -21.75 34.60
N SER A 162 -15.99 -21.05 33.49
CA SER A 162 -17.34 -20.67 33.13
C SER A 162 -18.20 -21.91 32.87
N LEU A 163 -17.56 -22.93 32.29
CA LEU A 163 -18.23 -24.19 32.00
C LEU A 163 -18.73 -24.82 33.29
N ALA A 164 -17.94 -24.73 34.34
CA ALA A 164 -18.33 -25.25 35.64
C ALA A 164 -19.50 -24.44 36.20
N LEU A 165 -19.38 -23.12 36.09
CA LEU A 165 -20.38 -22.19 36.59
C LEU A 165 -21.75 -22.33 35.92
N ILE A 166 -21.78 -22.65 34.63
CA ILE A 166 -23.05 -22.78 33.93
C ILE A 166 -23.91 -23.87 34.55
N PHE A 167 -23.28 -24.98 34.97
CA PHE A 167 -24.00 -26.07 35.62
C PHE A 167 -24.63 -25.59 36.92
N ASN A 168 -23.83 -24.85 37.70
CA ASN A 168 -24.29 -24.29 38.97
C ASN A 168 -25.43 -23.31 38.72
N SER A 169 -25.25 -22.48 37.72
CA SER A 169 -26.22 -21.48 37.31
C SER A 169 -27.51 -22.09 36.76
N LEU A 170 -27.37 -23.22 36.09
CA LEU A 170 -28.50 -23.87 35.45
C LEU A 170 -29.64 -24.18 36.40
N ILE A 276 -37.32 -27.82 33.69
CA ILE A 276 -37.09 -26.92 32.56
C ILE A 276 -36.28 -27.65 31.49
N ARG A 277 -36.69 -27.54 30.24
CA ARG A 277 -35.99 -28.22 29.17
C ARG A 277 -34.82 -27.38 28.72
N PHE A 278 -33.68 -28.03 28.54
CA PHE A 278 -32.49 -27.34 28.09
C PHE A 278 -31.92 -28.00 26.86
N SER A 279 -31.50 -27.18 25.92
CA SER A 279 -30.86 -27.66 24.72
C SER A 279 -29.61 -26.82 24.55
N VAL A 280 -28.48 -27.46 24.32
CA VAL A 280 -27.23 -26.72 24.19
C VAL A 280 -26.35 -27.32 23.11
N TRP A 281 -25.70 -26.46 22.37
CA TRP A 281 -24.78 -26.90 21.33
C TRP A 281 -23.52 -26.05 21.34
N ILE A 282 -22.44 -26.62 20.85
CA ILE A 282 -21.16 -25.93 20.83
C ILE A 282 -20.63 -25.79 19.43
N SER A 283 -20.04 -24.64 19.16
CA SER A 283 -19.42 -24.40 17.88
C SER A 283 -17.98 -23.98 18.19
N PHE A 284 -17.04 -24.52 17.46
CA PHE A 284 -15.65 -24.19 17.68
C PHE A 284 -14.98 -23.98 16.34
N PHE A 285 -14.28 -22.87 16.19
CA PHE A 285 -13.62 -22.57 14.94
C PHE A 285 -12.44 -21.64 15.13
N GLU A 286 -11.53 -21.66 14.18
CA GLU A 286 -10.36 -20.81 14.22
C GLU A 286 -10.22 -20.03 12.92
N ILE A 287 -9.76 -18.80 13.03
CA ILE A 287 -9.54 -17.96 11.87
C ILE A 287 -8.05 -17.80 11.62
N TYR A 288 -7.56 -18.49 10.60
CA TYR A 288 -6.16 -18.47 10.25
C TYR A 288 -6.00 -17.89 8.85
N ASN A 289 -5.14 -16.87 8.72
CA ASN A 289 -4.90 -16.22 7.44
C ASN A 289 -6.20 -15.70 6.83
N GLU A 290 -7.06 -15.21 7.72
CA GLU A 290 -8.39 -14.69 7.39
C GLU A 290 -9.30 -15.73 6.75
N LEU A 291 -8.96 -16.99 6.91
CA LEU A 291 -9.80 -18.07 6.42
C LEU A 291 -10.26 -18.86 7.65
N LEU A 292 -11.50 -19.34 7.64
CA LEU A 292 -12.00 -20.05 8.80
C LEU A 292 -11.95 -21.57 8.68
N TYR A 293 -11.68 -22.21 9.80
CA TYR A 293 -11.64 -23.66 9.87
C TYR A 293 -12.45 -24.10 11.08
N ASP A 294 -13.12 -25.24 10.96
CA ASP A 294 -13.94 -25.77 12.05
C ASP A 294 -13.15 -26.76 12.89
N LEU A 295 -12.97 -26.43 14.16
CA LEU A 295 -12.24 -27.29 15.07
C LEU A 295 -12.90 -28.65 15.25
N LEU A 296 -14.23 -28.67 15.13
CA LEU A 296 -15.02 -29.91 15.25
C LEU A 296 -14.62 -30.96 14.23
N GLU A 297 -14.15 -30.52 13.06
CA GLU A 297 -13.74 -31.42 11.99
C GLU A 297 -12.79 -32.50 12.49
N PRO A 298 -13.04 -33.76 12.10
CA PRO A 298 -12.20 -34.89 12.50
C PRO A 298 -10.75 -34.69 12.07
N PRO A 299 -9.79 -35.19 12.88
CA PRO A 299 -8.37 -35.06 12.56
C PRO A 299 -8.00 -35.82 11.29
N SER A 300 -7.27 -35.14 10.42
CA SER A 300 -6.86 -35.71 9.14
C SER A 300 -5.57 -35.03 8.69
N HIS A 301 -4.94 -35.56 7.65
CA HIS A 301 -3.70 -34.97 7.13
C HIS A 301 -3.98 -33.59 6.56
N GLN A 302 -4.98 -33.52 5.69
CA GLN A 302 -5.38 -32.25 5.10
C GLN A 302 -6.89 -32.10 5.27
N HIS A 303 -7.34 -30.93 5.69
CA HIS A 303 -8.77 -30.69 5.84
C HIS A 303 -9.06 -29.20 5.88
N LYS A 304 -10.04 -28.76 5.12
CA LYS A 304 -10.46 -27.38 5.14
C LYS A 304 -11.97 -27.32 5.30
N ARG A 305 -12.44 -26.58 6.28
CA ARG A 305 -13.88 -26.43 6.47
C ARG A 305 -14.48 -25.63 5.32
N GLN A 306 -13.69 -24.64 4.87
CA GLN A 306 -14.06 -23.71 3.81
C GLN A 306 -14.39 -22.37 4.44
N THR A 307 -14.73 -21.38 3.64
CA THR A 307 -15.02 -20.07 4.20
C THR A 307 -16.31 -20.12 5.00
N LEU A 308 -16.35 -19.30 6.04
CA LEU A 308 -17.51 -19.24 6.91
C LEU A 308 -18.63 -18.56 6.15
N ARG A 309 -19.84 -19.10 6.27
CA ARG A 309 -20.96 -18.50 5.58
C ARG A 309 -21.52 -17.37 6.43
N LEU A 310 -20.92 -16.19 6.30
CA LEU A 310 -21.41 -15.05 7.05
C LEU A 310 -22.42 -14.31 6.20
N CYS A 311 -23.67 -14.65 6.41
CA CYS A 311 -24.75 -14.02 5.69
C CYS A 311 -25.77 -13.53 6.70
N GLU A 312 -26.22 -12.30 6.57
CA GLU A 312 -27.22 -11.81 7.47
C GLU A 312 -28.55 -12.41 7.08
N ASP A 313 -29.21 -13.03 8.03
CA ASP A 313 -30.51 -13.66 7.82
C ASP A 313 -31.64 -12.67 8.02
N GLN A 314 -32.83 -13.20 8.29
CA GLN A 314 -34.00 -12.38 8.54
C GLN A 314 -33.69 -11.42 9.69
N ASN A 315 -32.94 -11.89 10.68
CA ASN A 315 -32.53 -11.05 11.79
C ASN A 315 -31.52 -10.03 11.29
N GLY A 316 -31.59 -8.80 11.79
CA GLY A 316 -30.67 -7.77 11.33
C GLY A 316 -29.24 -8.09 11.70
N ASN A 317 -29.04 -8.63 12.89
CA ASN A 317 -27.71 -8.99 13.37
C ASN A 317 -27.11 -10.14 12.56
N PRO A 318 -25.82 -10.02 12.20
CA PRO A 318 -25.10 -11.06 11.47
C PRO A 318 -24.93 -12.33 12.29
N TYR A 319 -24.97 -13.47 11.63
CA TYR A 319 -24.84 -14.75 12.31
C TYR A 319 -23.83 -15.61 11.56
N VAL A 320 -23.12 -16.46 12.27
CA VAL A 320 -22.13 -17.31 11.65
C VAL A 320 -22.73 -18.68 11.39
N LYS A 321 -22.47 -19.20 10.19
CA LYS A 321 -23.00 -20.48 9.78
C LYS A 321 -21.89 -21.41 9.30
N ASP A 322 -22.28 -22.58 8.79
CA ASP A 322 -21.34 -23.60 8.30
C ASP A 322 -20.48 -24.14 9.44
N LEU A 323 -21.00 -24.02 10.65
CA LEU A 323 -20.33 -24.50 11.84
C LEU A 323 -20.98 -25.79 12.33
N ASN A 324 -20.18 -26.80 12.62
CA ASN A 324 -20.73 -28.05 13.13
C ASN A 324 -21.10 -27.84 14.59
N TRP A 325 -22.21 -28.42 15.01
CA TRP A 325 -22.65 -28.25 16.39
C TRP A 325 -22.81 -29.57 17.11
N ILE A 326 -22.36 -29.60 18.35
CA ILE A 326 -22.46 -30.79 19.19
C ILE A 326 -23.25 -30.46 20.45
N HIS A 327 -24.20 -31.30 20.81
CA HIS A 327 -25.01 -31.07 22.01
C HIS A 327 -24.11 -31.11 23.24
N VAL A 328 -24.39 -30.25 24.21
CA VAL A 328 -23.57 -30.19 25.41
C VAL A 328 -24.27 -30.87 26.57
N ARG A 329 -24.00 -32.16 26.73
CA ARG A 329 -24.57 -32.91 27.82
C ARG A 329 -23.91 -32.52 29.14
N ASP A 330 -22.58 -32.52 29.14
CA ASP A 330 -21.81 -32.17 30.33
C ASP A 330 -20.58 -31.31 29.97
N VAL A 331 -19.94 -30.77 31.00
CA VAL A 331 -18.74 -29.93 30.87
C VAL A 331 -17.63 -30.66 30.12
N GLU A 332 -17.43 -31.92 30.47
CA GLU A 332 -16.38 -32.75 29.86
C GLU A 332 -16.51 -32.83 28.34
N GLU A 333 -17.75 -32.93 27.85
CA GLU A 333 -17.98 -32.98 26.42
C GLU A 333 -17.43 -31.70 25.78
N ALA A 334 -17.69 -30.58 26.43
CA ALA A 334 -17.19 -29.29 25.97
C ALA A 334 -15.67 -29.26 26.04
N TRP A 335 -15.14 -29.79 27.14
CA TRP A 335 -13.69 -29.85 27.36
C TRP A 335 -13.03 -30.70 26.29
N LYS A 336 -13.68 -31.81 25.95
CA LYS A 336 -13.16 -32.71 24.93
C LYS A 336 -13.09 -32.00 23.58
N LEU A 337 -14.10 -31.20 23.30
CA LEU A 337 -14.15 -30.42 22.07
C LEU A 337 -12.99 -29.43 22.05
N LEU A 338 -12.70 -28.86 23.22
CA LEU A 338 -11.61 -27.91 23.35
C LEU A 338 -10.28 -28.62 23.07
N LYS A 339 -10.14 -29.81 23.64
CA LYS A 339 -8.93 -30.61 23.49
C LYS A 339 -8.67 -31.00 22.04
N VAL A 340 -9.68 -31.57 21.39
CA VAL A 340 -9.54 -31.97 19.99
C VAL A 340 -9.30 -30.74 19.12
N GLY A 341 -9.95 -29.65 19.49
CA GLY A 341 -9.80 -28.40 18.79
C GLY A 341 -8.38 -27.89 18.81
N ARG A 342 -7.67 -28.14 19.91
CA ARG A 342 -6.28 -27.71 20.05
C ARG A 342 -5.41 -28.25 18.92
N LYS A 343 -5.59 -29.51 18.58
CA LYS A 343 -4.82 -30.14 17.50
C LYS A 343 -5.12 -29.45 16.18
N ASN A 344 -6.41 -29.24 15.93
CA ASN A 344 -6.85 -28.60 14.70
C ASN A 344 -6.41 -27.14 14.60
N GLN A 345 -6.49 -26.44 15.73
CA GLN A 345 -6.09 -25.04 15.79
C GLN A 345 -4.62 -24.91 15.42
N SER A 346 -4.28 -23.88 14.68
CA SER A 346 -2.91 -23.68 14.28
C SER A 346 -2.05 -23.21 15.46
N PHE A 347 -0.84 -23.74 15.54
CA PHE A 347 0.09 -23.39 16.59
C PHE A 347 1.44 -23.10 15.98
N ALA A 348 2.21 -22.24 16.64
CA ALA A 348 3.53 -21.88 16.15
C ALA A 348 4.35 -21.34 17.30
N SER A 349 5.65 -21.22 17.09
CA SER A 349 6.52 -20.71 18.11
C SER A 349 7.13 -19.38 17.68
N THR A 350 7.31 -18.49 18.65
CA THR A 350 7.87 -17.19 18.38
C THR A 350 9.02 -16.95 19.33
N HIS A 351 9.78 -15.90 19.08
CA HIS A 351 10.91 -15.55 19.93
C HIS A 351 10.38 -15.17 21.31
N MET A 352 9.25 -14.47 21.32
CA MET A 352 8.61 -14.06 22.57
C MET A 352 8.13 -15.27 23.38
N ASN A 353 7.33 -16.14 22.77
CA ASN A 353 6.81 -17.32 23.44
C ASN A 353 6.44 -18.44 22.47
N GLN A 354 6.70 -19.67 22.90
CA GLN A 354 6.42 -20.87 22.10
C GLN A 354 4.91 -21.18 22.02
N GLN A 355 4.15 -20.82 23.07
CA GLN A 355 2.76 -21.12 23.17
C GLN A 355 1.97 -20.46 22.07
N SER A 356 2.45 -19.29 21.60
CA SER A 356 1.83 -18.46 20.56
C SER A 356 0.83 -19.16 19.64
N SER A 357 -0.38 -18.61 19.60
CA SER A 357 -1.45 -19.13 18.77
C SER A 357 -1.49 -18.40 17.44
N ARG A 358 -1.45 -19.16 16.33
CA ARG A 358 -1.51 -18.48 15.07
C ARG A 358 -2.84 -17.89 14.79
N SER A 359 -3.87 -18.67 15.04
CA SER A 359 -5.21 -18.25 14.71
C SER A 359 -5.98 -17.78 15.92
N HIS A 360 -6.95 -16.90 15.69
CA HIS A 360 -7.81 -16.43 16.75
C HIS A 360 -8.77 -17.57 17.03
N SER A 361 -9.17 -17.75 18.27
CA SER A 361 -10.05 -18.84 18.57
C SER A 361 -11.39 -18.31 19.07
N ILE A 362 -12.47 -18.85 18.53
CA ILE A 362 -13.78 -18.47 18.96
C ILE A 362 -14.56 -19.67 19.41
N PHE A 363 -14.96 -19.67 20.64
CA PHE A 363 -15.75 -20.73 21.19
C PHE A 363 -17.12 -20.16 21.41
N SER A 364 -18.12 -20.79 20.85
CA SER A 364 -19.46 -20.29 21.01
C SER A 364 -20.37 -21.40 21.46
N ILE A 365 -21.15 -21.08 22.47
CA ILE A 365 -22.08 -22.02 23.01
C ILE A 365 -23.44 -21.34 23.09
N ARG A 366 -24.44 -21.99 22.54
CA ARG A 366 -25.76 -21.42 22.53
C ARG A 366 -26.70 -22.31 23.30
N ILE A 367 -27.43 -21.71 24.20
CA ILE A 367 -28.35 -22.46 25.02
C ILE A 367 -29.77 -22.03 24.74
N LEU A 368 -30.61 -23.02 24.55
CA LEU A 368 -32.01 -22.81 24.30
C LEU A 368 -32.73 -23.43 25.46
N HIS A 369 -33.51 -22.64 26.17
CA HIS A 369 -34.22 -23.17 27.30
C HIS A 369 -35.69 -22.85 27.26
N LEU A 370 -36.48 -23.87 27.48
CA LEU A 370 -37.91 -23.72 27.51
C LEU A 370 -38.33 -24.14 28.90
N GLN A 371 -39.05 -23.27 29.58
CA GLN A 371 -39.49 -23.57 30.92
C GLN A 371 -40.51 -24.70 30.89
N PRO A 378 -38.91 -21.02 23.30
CA PRO A 378 -37.60 -21.26 23.90
C PRO A 378 -36.73 -20.02 23.83
N LYS A 379 -36.15 -19.68 24.97
CA LYS A 379 -35.28 -18.54 25.06
C LYS A 379 -33.98 -18.89 24.38
N ILE A 380 -33.41 -17.96 23.67
CA ILE A 380 -32.15 -18.21 23.02
C ILE A 380 -31.10 -17.28 23.60
N SER A 381 -30.00 -17.87 24.00
CA SER A 381 -28.90 -17.12 24.56
C SER A 381 -27.62 -17.66 23.97
N GLU A 382 -26.70 -16.78 23.68
CA GLU A 382 -25.43 -17.19 23.14
C GLU A 382 -24.30 -16.68 23.99
N LEU A 383 -23.44 -17.58 24.38
CA LEU A 383 -22.28 -17.24 25.14
C LEU A 383 -21.11 -17.52 24.25
N SER A 384 -20.26 -16.54 24.09
CA SER A 384 -19.12 -16.72 23.24
C SER A 384 -17.87 -16.26 23.93
N LEU A 385 -16.86 -17.08 23.86
CA LEU A 385 -15.59 -16.80 24.45
C LEU A 385 -14.58 -16.80 23.34
N CYS A 386 -13.94 -15.67 23.14
CA CYS A 386 -12.99 -15.56 22.07
C CYS A 386 -11.60 -15.31 22.60
N ASP A 387 -10.67 -15.97 21.95
CA ASP A 387 -9.27 -15.88 22.28
C ASP A 387 -8.58 -15.31 21.06
N LEU A 388 -8.40 -14.01 21.04
CA LEU A 388 -7.74 -13.35 19.93
C LEU A 388 -6.24 -13.41 20.09
N ALA A 389 -5.54 -13.46 18.97
CA ALA A 389 -4.10 -13.47 19.00
C ALA A 389 -3.63 -12.03 19.16
N GLY A 390 -2.54 -11.83 19.84
CA GLY A 390 -2.04 -10.49 20.04
C GLY A 390 -1.13 -10.03 18.94
N SER A 391 -0.77 -8.72 18.99
CA SER A 391 0.09 -7.99 18.08
C SER A 391 1.53 -8.35 18.33
N GLU A 392 2.44 -8.07 17.34
CA GLU A 392 3.81 -8.54 17.55
C GLU A 392 4.89 -7.87 16.66
N ARG A 393 6.12 -7.56 17.28
CA ARG A 393 7.54 -7.15 16.94
C ARG A 393 8.25 -8.33 16.44
N CYS A 394 7.53 -9.44 16.71
CA CYS A 394 8.21 -10.59 16.11
C CYS A 394 8.35 -10.47 14.59
N LYS A 395 7.48 -9.69 13.95
CA LYS A 395 7.54 -9.50 12.50
C LYS A 395 8.97 -9.13 12.07
N HIS A 396 9.63 -8.30 12.87
CA HIS A 396 11.01 -7.92 12.60
C HIS A 396 11.95 -9.11 12.82
N GLN A 397 11.72 -9.82 13.92
CA GLN A 397 12.52 -10.98 14.30
C GLN A 397 12.43 -12.16 13.34
N LYS A 398 11.24 -12.48 12.86
CA LYS A 398 11.08 -13.63 11.97
C LYS A 398 10.41 -13.24 10.65
N SER A 399 10.52 -14.14 9.67
CA SER A 399 9.96 -13.92 8.35
C SER A 399 9.32 -15.21 7.82
N GLY A 400 8.99 -15.24 6.54
CA GLY A 400 8.39 -16.43 5.97
C GLY A 400 6.89 -16.44 6.15
N GLU A 401 6.32 -17.63 6.25
CA GLU A 401 4.89 -17.79 6.46
C GLU A 401 4.50 -17.08 7.75
N ARG A 402 5.41 -17.14 8.71
CA ARG A 402 5.22 -16.50 10.01
C ARG A 402 4.96 -15.01 9.85
N LEU A 403 5.63 -14.39 8.88
CA LEU A 403 5.45 -12.97 8.60
C LEU A 403 4.03 -12.71 8.11
N LYS A 404 3.55 -13.58 7.20
CA LYS A 404 2.22 -13.44 6.64
C LYS A 404 1.13 -13.60 7.69
N GLU A 405 1.30 -14.60 8.56
CA GLU A 405 0.33 -14.84 9.63
C GLU A 405 0.25 -13.60 10.51
N ALA A 406 1.40 -13.02 10.82
CA ALA A 406 1.47 -11.83 11.64
C ALA A 406 0.81 -10.64 10.96
N GLY A 407 1.06 -10.51 9.65
CA GLY A 407 0.48 -9.42 8.89
C GLY A 407 -1.03 -9.50 8.86
N ASN A 408 -1.54 -10.71 8.68
CA ASN A 408 -2.99 -10.94 8.63
C ASN A 408 -3.60 -10.60 9.98
N ILE A 409 -2.99 -11.09 11.05
CA ILE A 409 -3.47 -10.83 12.40
C ILE A 409 -3.42 -9.34 12.73
N ASN A 410 -2.28 -8.68 12.41
CA ASN A 410 -2.10 -7.30 12.75
C ASN A 410 -3.20 -6.50 11.98
N THR A 411 -3.56 -6.80 10.67
CA THR A 411 -4.62 -6.13 9.93
C THR A 411 -5.98 -6.37 10.58
N SER A 412 -6.26 -7.62 10.93
CA SER A 412 -7.53 -7.97 11.55
C SER A 412 -7.67 -7.28 12.91
N LEU A 413 -6.60 -7.26 13.69
CA LEU A 413 -6.61 -6.62 15.01
C LEU A 413 -6.91 -5.13 14.87
N HIS A 414 -6.31 -4.54 13.84
CA HIS A 414 -6.49 -3.12 13.56
C HIS A 414 -7.93 -2.77 13.23
N THR A 415 -8.63 -3.66 12.51
CA THR A 415 -10.00 -3.40 12.13
C THR A 415 -10.89 -3.25 13.37
N LEU A 416 -10.61 -4.04 14.40
CA LEU A 416 -11.35 -3.93 15.65
C LEU A 416 -11.10 -2.55 16.27
N GLY A 417 -9.83 -2.14 16.22
CA GLY A 417 -9.44 -0.85 16.77
C GLY A 417 -10.09 0.32 16.05
N ARG A 418 -10.15 0.26 14.73
CA ARG A 418 -10.77 1.34 13.96
C ARG A 418 -12.26 1.39 14.26
N CYS A 419 -12.87 0.22 14.41
CA CYS A 419 -14.28 0.11 14.72
C CYS A 419 -14.58 0.80 16.06
N ILE A 420 -13.82 0.43 17.09
CA ILE A 420 -13.99 1.02 18.41
C ILE A 420 -13.78 2.53 18.38
N ALA A 421 -12.78 2.97 17.62
CA ALA A 421 -12.49 4.39 17.49
C ALA A 421 -13.71 5.12 16.91
N ALA A 422 -14.31 4.52 15.89
CA ALA A 422 -15.51 5.08 15.27
C ALA A 422 -16.66 5.04 16.25
N LEU A 423 -16.75 3.92 16.98
CA LEU A 423 -17.80 3.71 17.96
C LEU A 423 -17.75 4.75 19.08
N ARG A 424 -16.56 4.99 19.62
CA ARG A 424 -16.41 5.99 20.67
C ARG A 424 -16.78 7.37 20.14
N GLN A 425 -16.40 7.64 18.89
CA GLN A 425 -16.73 8.90 18.25
C GLN A 425 -18.24 9.01 18.10
N ASN A 426 -18.86 7.89 17.71
CA ASN A 426 -20.32 7.82 17.54
C ASN A 426 -21.00 8.10 18.87
N GLN A 427 -20.35 7.71 19.95
CA GLN A 427 -20.87 7.94 21.29
C GLN A 427 -20.93 9.45 21.56
N GLN A 428 -19.85 10.14 21.22
CA GLN A 428 -19.80 11.59 21.41
C GLN A 428 -20.71 12.36 20.44
N ASN A 429 -20.59 12.07 19.14
CA ASN A 429 -21.40 12.75 18.13
C ASN A 429 -22.86 12.28 18.08
N ARG A 430 -23.78 13.25 17.99
CA ARG A 430 -25.22 12.96 17.96
C ARG A 430 -25.72 12.21 16.71
N SER A 431 -25.40 12.70 15.52
CA SER A 431 -25.88 12.07 14.28
C SER A 431 -25.27 12.74 13.05
N LYS A 432 -25.59 12.21 11.86
CA LYS A 432 -25.07 12.73 10.59
C LYS A 432 -23.55 12.77 10.64
N GLN A 433 -22.96 11.68 11.10
CA GLN A 433 -21.52 11.59 11.26
C GLN A 433 -20.91 10.38 10.55
N ASN A 434 -19.78 9.93 11.09
CA ASN A 434 -19.02 8.80 10.55
C ASN A 434 -19.76 7.47 10.69
N LEU A 435 -19.65 6.65 9.66
CA LEU A 435 -20.28 5.33 9.62
C LEU A 435 -19.47 4.30 10.42
N ILE A 436 -20.06 3.15 10.71
CA ILE A 436 -19.39 2.10 11.45
C ILE A 436 -18.62 1.14 10.53
N PRO A 437 -17.33 0.90 10.84
CA PRO A 437 -16.42 0.05 10.05
C PRO A 437 -16.72 -1.46 10.05
N PHE A 438 -17.86 -1.86 10.59
CA PHE A 438 -18.22 -3.28 10.63
C PHE A 438 -18.08 -3.96 9.26
N ARG A 439 -18.55 -3.28 8.22
CA ARG A 439 -18.51 -3.81 6.85
C ARG A 439 -17.10 -4.02 6.29
N ASP A 440 -16.15 -3.21 6.74
CA ASP A 440 -14.78 -3.27 6.24
C ASP A 440 -14.15 -4.67 6.33
N SER A 441 -14.20 -5.27 7.50
CA SER A 441 -13.60 -6.59 7.67
C SER A 441 -14.62 -7.64 8.13
N LYS A 442 -14.38 -8.90 7.76
CA LYS A 442 -15.28 -10.00 8.16
C LYS A 442 -15.35 -10.13 9.67
N LEU A 443 -14.21 -9.99 10.33
CA LEU A 443 -14.16 -10.09 11.79
C LEU A 443 -15.03 -9.03 12.43
N THR A 444 -14.96 -7.82 11.90
CA THR A 444 -15.75 -6.71 12.40
C THR A 444 -17.24 -6.98 12.20
N ARG A 445 -17.57 -7.61 11.08
CA ARG A 445 -18.96 -7.92 10.75
C ARG A 445 -19.55 -8.89 11.78
N VAL A 446 -18.82 -9.94 12.11
CA VAL A 446 -19.29 -10.92 13.08
C VAL A 446 -19.44 -10.26 14.45
N PHE A 447 -18.44 -9.47 14.79
CA PHE A 447 -18.40 -8.75 16.05
C PHE A 447 -19.43 -7.63 16.17
N GLN A 448 -20.04 -7.27 15.04
CA GLN A 448 -21.06 -6.21 15.00
C GLN A 448 -22.10 -6.34 16.11
N GLY A 449 -22.60 -7.55 16.35
CA GLY A 449 -23.59 -7.74 17.40
C GLY A 449 -23.00 -7.40 18.76
N PHE A 450 -21.78 -7.81 18.97
CA PHE A 450 -21.05 -7.55 20.19
C PHE A 450 -20.90 -6.05 20.43
N PHE A 451 -20.28 -5.36 19.46
CA PHE A 451 -20.05 -3.93 19.58
C PHE A 451 -21.36 -3.10 19.51
N THR A 452 -21.97 -3.09 18.34
CA THR A 452 -23.17 -2.29 18.09
C THR A 452 -24.51 -2.88 18.60
N GLY A 453 -24.72 -4.18 18.46
CA GLY A 453 -26.04 -4.70 18.84
C GLY A 453 -26.24 -5.31 20.22
N ARG A 454 -27.03 -6.39 20.23
CA ARG A 454 -27.44 -7.13 21.42
C ARG A 454 -26.31 -7.83 22.17
N GLY A 455 -26.59 -8.15 23.42
CA GLY A 455 -25.65 -8.90 24.22
C GLY A 455 -24.75 -8.03 25.09
N ARG A 456 -24.60 -8.43 26.35
CA ARG A 456 -23.73 -7.73 27.27
C ARG A 456 -22.30 -8.14 26.95
N SER A 457 -21.38 -7.22 27.07
CA SER A 457 -20.02 -7.52 26.74
C SER A 457 -19.06 -7.24 27.88
N CYS A 458 -18.09 -8.12 27.99
CA CYS A 458 -17.04 -8.01 28.96
C CYS A 458 -15.75 -8.23 28.21
N MET A 459 -14.68 -7.59 28.62
CA MET A 459 -13.42 -7.73 27.92
C MET A 459 -12.30 -8.05 28.89
N ILE A 460 -11.37 -8.84 28.43
CA ILE A 460 -10.22 -9.21 29.23
C ILE A 460 -9.00 -8.65 28.55
N VAL A 461 -8.31 -7.74 29.21
CA VAL A 461 -7.13 -7.15 28.65
C VAL A 461 -5.91 -7.60 29.41
N ASN A 462 -4.96 -8.16 28.69
CA ASN A 462 -3.73 -8.63 29.29
C ASN A 462 -2.64 -7.65 28.96
N VAL A 463 -1.80 -7.34 29.92
CA VAL A 463 -0.73 -6.37 29.72
C VAL A 463 0.63 -7.01 29.95
N ASN A 464 1.62 -6.53 29.21
CA ASN A 464 2.97 -7.01 29.34
C ASN A 464 3.81 -5.90 29.97
N PRO A 465 4.48 -6.20 31.10
CA PRO A 465 5.30 -5.22 31.83
C PRO A 465 6.58 -4.82 31.09
N CYS A 466 6.88 -5.52 30.00
CA CYS A 466 8.08 -5.23 29.22
C CYS A 466 8.05 -3.80 28.67
N ALA A 467 9.21 -3.14 28.70
CA ALA A 467 9.32 -1.76 28.25
C ALA A 467 9.26 -1.64 26.73
N SER A 468 9.81 -2.62 26.02
CA SER A 468 9.80 -2.60 24.56
C SER A 468 8.37 -2.60 24.02
N THR A 469 7.56 -3.43 24.64
CA THR A 469 6.16 -3.61 24.30
C THR A 469 5.30 -2.39 24.64
N TYR A 470 5.84 -1.49 25.46
CA TYR A 470 5.09 -0.31 25.94
C TYR A 470 4.26 0.44 24.89
N ASP A 471 4.81 0.72 23.71
CA ASP A 471 4.02 1.43 22.70
C ASP A 471 2.79 0.62 22.26
N GLU A 472 2.99 -0.68 22.05
CA GLU A 472 1.89 -1.55 21.64
C GLU A 472 0.89 -1.69 22.80
N THR A 473 1.41 -1.81 24.03
CA THR A 473 0.56 -1.94 25.20
C THR A 473 -0.23 -0.65 25.48
N LEU A 474 0.42 0.50 25.28
CA LEU A 474 -0.23 1.78 25.50
C LEU A 474 -1.40 1.93 24.52
N HIS A 475 -1.18 1.51 23.29
CA HIS A 475 -2.22 1.57 22.28
C HIS A 475 -3.38 0.66 22.68
N ALA A 476 -3.04 -0.51 23.21
CA ALA A 476 -4.03 -1.47 23.66
C ALA A 476 -4.84 -0.88 24.82
N ALA A 477 -4.14 -0.25 25.77
CA ALA A 477 -4.79 0.38 26.91
C ALA A 477 -5.69 1.50 26.44
N LYS A 478 -5.18 2.28 25.48
CA LYS A 478 -5.91 3.38 24.89
C LYS A 478 -7.19 2.84 24.24
N PHE A 479 -7.04 1.70 23.57
CA PHE A 479 -8.16 1.03 22.91
C PHE A 479 -9.24 0.69 23.94
N SER A 480 -8.81 0.08 25.05
CA SER A 480 -9.74 -0.30 26.11
C SER A 480 -10.39 0.94 26.73
N ALA A 481 -9.61 2.00 26.92
CA ALA A 481 -10.12 3.25 27.49
C ALA A 481 -11.19 3.83 26.58
N LEU A 482 -10.92 3.82 25.28
CA LEU A 482 -11.86 4.32 24.29
C LEU A 482 -13.11 3.45 24.24
N ALA A 483 -12.91 2.14 24.33
CA ALA A 483 -14.01 1.18 24.31
C ALA A 483 -14.93 1.41 25.51
N SER A 484 -14.33 1.71 26.65
CA SER A 484 -15.07 1.95 27.88
C SER A 484 -16.04 3.13 27.72
N GLN A 485 -15.68 4.08 26.86
CA GLN A 485 -16.50 5.27 26.63
C GLN A 485 -17.88 4.95 26.06
N LEU A 486 -17.95 4.08 25.07
CA LEU A 486 -19.23 3.72 24.47
C LEU A 486 -20.01 2.72 25.32
N VAL A 487 -21.32 2.69 25.16
CA VAL A 487 -22.17 1.78 25.92
C VAL A 487 -22.87 0.78 25.00
N HIS A 488 -23.26 -0.36 25.54
CA HIS A 488 -23.94 -1.39 24.75
C HIS A 488 -25.30 -0.91 24.28
N ARG B 1 41.82 5.65 0.50
CA ARG B 1 40.57 5.89 1.27
C ARG B 1 39.48 5.62 0.28
N GLU B 2 38.35 5.04 0.72
CA GLU B 2 37.38 4.72 -0.31
C GLU B 2 36.03 5.13 0.17
N CYS B 3 34.96 4.64 -0.50
CA CYS B 3 33.60 4.92 -0.16
C CYS B 3 32.77 4.17 -1.17
N ILE B 4 31.70 3.49 -0.71
CA ILE B 4 30.84 2.72 -1.60
C ILE B 4 29.53 3.50 -1.77
N SER B 5 28.66 3.07 -2.66
CA SER B 5 27.40 3.77 -2.90
C SER B 5 26.28 2.79 -3.14
N ILE B 6 25.13 3.05 -2.52
CA ILE B 6 23.98 2.16 -2.65
C ILE B 6 22.76 2.86 -3.26
N HIS B 7 22.54 2.60 -4.54
CA HIS B 7 21.42 3.19 -5.26
C HIS B 7 20.19 2.30 -5.09
N VAL B 8 19.27 2.73 -4.25
CA VAL B 8 18.06 1.96 -3.99
C VAL B 8 16.80 2.65 -4.48
N GLY B 9 15.89 1.88 -5.08
CA GLY B 9 14.64 2.44 -5.56
C GLY B 9 14.69 2.81 -7.03
N GLN B 10 13.54 2.67 -7.70
CA GLN B 10 13.40 2.99 -9.12
C GLN B 10 14.14 4.27 -9.48
N ALA B 11 13.71 5.38 -8.88
CA ALA B 11 14.35 6.68 -9.11
C ALA B 11 15.84 6.64 -8.76
N GLY B 12 16.13 6.24 -7.51
CA GLY B 12 17.51 6.16 -7.04
C GLY B 12 18.42 5.32 -7.92
N VAL B 13 17.84 4.42 -8.70
CA VAL B 13 18.62 3.57 -9.59
C VAL B 13 18.75 4.28 -10.94
N GLN B 14 17.70 4.97 -11.34
CA GLN B 14 17.71 5.71 -12.59
C GLN B 14 18.72 6.85 -12.47
N ILE B 15 18.65 7.58 -11.36
CA ILE B 15 19.57 8.67 -11.08
C ILE B 15 20.99 8.14 -10.95
N GLY B 16 21.11 6.93 -10.41
CA GLY B 16 22.40 6.31 -10.22
C GLY B 16 23.14 6.15 -11.52
N ASN B 17 22.47 5.59 -12.52
CA ASN B 17 23.06 5.40 -13.84
C ASN B 17 23.55 6.73 -14.41
N ALA B 18 22.81 7.79 -14.12
CA ALA B 18 23.16 9.12 -14.59
C ALA B 18 24.38 9.66 -13.85
N CYS B 19 24.30 9.68 -12.53
CA CYS B 19 25.40 10.17 -11.70
C CYS B 19 26.67 9.37 -11.94
N TRP B 20 26.53 8.06 -12.11
CA TRP B 20 27.67 7.20 -12.37
C TRP B 20 28.22 7.39 -13.78
N GLU B 21 27.38 7.89 -14.67
CA GLU B 21 27.76 8.14 -16.05
C GLU B 21 28.80 9.25 -16.10
N LEU B 22 28.41 10.44 -15.64
CA LEU B 22 29.32 11.59 -15.59
C LEU B 22 30.70 11.21 -15.06
N TYR B 23 30.70 10.30 -14.08
CA TYR B 23 31.94 9.80 -13.48
C TYR B 23 32.90 9.35 -14.58
N CYS B 24 32.59 8.23 -15.21
CA CYS B 24 33.38 7.68 -16.30
C CYS B 24 33.76 8.76 -17.33
N LEU B 25 32.80 9.64 -17.62
CA LEU B 25 33.00 10.73 -18.59
C LEU B 25 34.20 11.60 -18.25
N GLU B 26 34.46 11.81 -16.96
CA GLU B 26 35.59 12.63 -16.53
C GLU B 26 36.68 11.76 -15.92
N HIS B 27 36.68 10.49 -16.27
CA HIS B 27 37.68 9.57 -15.76
C HIS B 27 38.27 8.76 -16.89
N GLY B 28 37.89 9.09 -18.12
CA GLY B 28 38.40 8.38 -19.29
C GLY B 28 38.11 6.88 -19.27
N ILE B 29 36.94 6.51 -18.74
CA ILE B 29 36.56 5.11 -18.66
C ILE B 29 35.33 4.84 -19.52
N GLN B 30 35.57 4.48 -20.78
CA GLN B 30 34.51 4.20 -21.73
C GLN B 30 33.57 3.09 -21.23
N PRO B 31 32.44 2.84 -21.96
CA PRO B 31 31.46 1.80 -21.65
C PRO B 31 32.06 0.52 -21.07
N ASP B 32 33.03 -0.05 -21.78
CA ASP B 32 33.67 -1.29 -21.35
C ASP B 32 35.11 -1.01 -20.94
N GLY B 33 35.32 0.06 -20.18
CA GLY B 33 36.64 0.41 -19.73
C GLY B 33 37.22 -0.60 -18.75
N HIS B 34 37.67 0.16 -15.33
CA HIS B 34 37.90 -0.49 -14.05
C HIS B 34 36.57 -0.91 -13.44
N VAL B 35 36.64 -1.54 -12.27
CA VAL B 35 35.46 -1.98 -11.56
C VAL B 35 35.00 -0.85 -10.66
N PRO B 36 33.72 -0.46 -10.75
CA PRO B 36 33.15 0.61 -9.92
C PRO B 36 33.19 0.30 -8.42
N ARG B 37 32.26 0.86 -7.68
CA ARG B 37 32.18 0.65 -6.24
C ARG B 37 30.83 1.05 -5.67
N ALA B 38 29.78 0.57 -6.32
CA ALA B 38 28.44 0.85 -5.88
C ALA B 38 27.55 -0.32 -6.26
N VAL B 39 26.27 -0.23 -5.94
CA VAL B 39 25.32 -1.29 -6.26
C VAL B 39 23.96 -0.68 -6.60
N PHE B 40 23.09 -1.50 -7.18
CA PHE B 40 21.75 -1.05 -7.52
C PHE B 40 20.73 -2.06 -6.99
N VAL B 41 19.88 -1.62 -6.07
CA VAL B 41 18.86 -2.51 -5.50
C VAL B 41 17.46 -1.96 -5.74
N ASP B 42 16.55 -2.83 -6.15
CA ASP B 42 15.17 -2.45 -6.42
C ASP B 42 14.28 -3.67 -6.54
N LEU B 43 13.00 -3.50 -6.20
CA LEU B 43 12.04 -4.59 -6.26
C LEU B 43 11.28 -4.55 -7.58
N GLU B 44 11.84 -3.83 -8.53
CA GLU B 44 11.27 -3.71 -9.86
C GLU B 44 12.34 -4.10 -10.88
N PRO B 45 12.22 -5.32 -11.43
CA PRO B 45 13.18 -5.84 -12.41
C PRO B 45 13.35 -4.93 -13.62
N THR B 46 12.24 -4.57 -14.23
CA THR B 46 12.21 -3.72 -15.41
C THR B 46 13.12 -2.49 -15.32
N VAL B 47 13.32 -1.94 -14.12
CA VAL B 47 14.17 -0.78 -13.95
C VAL B 47 15.65 -1.14 -13.82
N ILE B 48 15.95 -2.17 -13.00
CA ILE B 48 17.33 -2.59 -12.82
C ILE B 48 17.85 -3.23 -14.10
N ASP B 49 16.94 -3.86 -14.83
CA ASP B 49 17.27 -4.48 -16.11
C ASP B 49 17.68 -3.43 -17.14
N GLU B 50 17.11 -2.24 -16.99
CA GLU B 50 17.42 -1.12 -17.88
C GLU B 50 18.91 -0.79 -17.87
N VAL B 51 19.60 -1.16 -16.79
CA VAL B 51 21.04 -0.91 -16.68
C VAL B 51 21.80 -2.09 -17.28
N ARG B 52 21.07 -3.18 -17.47
CA ARG B 52 21.62 -4.40 -18.06
C ARG B 52 21.35 -4.39 -19.56
N THR B 53 20.49 -3.46 -19.97
CA THR B 53 20.12 -3.33 -21.38
C THR B 53 20.68 -2.04 -21.99
N GLY B 54 20.50 -0.92 -21.28
CA GLY B 54 20.98 0.36 -21.77
C GLY B 54 22.49 0.54 -21.69
N THR B 55 22.93 1.79 -21.70
CA THR B 55 24.35 2.13 -21.64
C THR B 55 25.03 1.55 -20.39
N TYR B 56 26.37 1.48 -20.44
CA TYR B 56 27.17 0.96 -19.34
C TYR B 56 26.65 -0.37 -18.84
N ARG B 57 26.32 -1.24 -19.79
CA ARG B 57 25.78 -2.55 -19.50
C ARG B 57 26.83 -3.45 -18.86
N GLN B 58 27.98 -3.57 -19.51
CA GLN B 58 29.04 -4.41 -19.01
C GLN B 58 30.03 -3.64 -18.14
N LEU B 59 29.69 -2.42 -17.77
CA LEU B 59 30.56 -1.62 -16.91
C LEU B 59 30.25 -1.92 -15.45
N PHE B 60 29.30 -2.81 -15.23
CA PHE B 60 28.90 -3.19 -13.89
C PHE B 60 28.93 -4.71 -13.74
N HIS B 61 29.02 -5.18 -12.51
CA HIS B 61 29.05 -6.60 -12.23
C HIS B 61 27.67 -7.06 -11.79
N PRO B 62 27.13 -8.13 -12.41
CA PRO B 62 25.81 -8.69 -12.09
C PRO B 62 25.65 -9.10 -10.62
N GLU B 63 26.71 -8.90 -9.85
CA GLU B 63 26.71 -9.23 -8.43
C GLU B 63 26.32 -7.99 -7.63
N GLN B 64 26.62 -6.83 -8.20
CA GLN B 64 26.29 -5.56 -7.55
C GLN B 64 24.96 -5.06 -8.09
N LEU B 65 24.21 -5.96 -8.69
CA LEU B 65 22.90 -5.66 -9.24
C LEU B 65 21.88 -6.59 -8.63
N ILE B 66 21.27 -6.16 -7.54
CA ILE B 66 20.27 -6.95 -6.84
C ILE B 66 18.88 -6.61 -7.35
N THR B 67 18.06 -7.62 -7.56
CA THR B 67 16.71 -7.41 -8.05
C THR B 67 15.74 -8.34 -7.33
N GLY B 68 14.51 -7.89 -7.16
CA GLY B 68 13.51 -8.69 -6.49
C GLY B 68 12.26 -8.88 -7.32
N LYS B 69 12.31 -9.89 -8.21
CA LYS B 69 11.20 -10.28 -9.09
C LYS B 69 9.78 -10.08 -8.52
N GLU B 70 9.66 -10.16 -7.19
CA GLU B 70 8.38 -9.99 -6.47
C GLU B 70 7.62 -8.70 -6.81
N ASP B 71 7.23 -7.96 -5.79
CA ASP B 71 6.49 -6.73 -5.99
C ASP B 71 7.27 -5.56 -5.41
N ALA B 72 7.31 -4.46 -6.15
CA ALA B 72 7.99 -3.26 -5.70
C ALA B 72 7.21 -2.65 -4.55
N ALA B 73 5.97 -2.26 -4.86
CA ALA B 73 5.07 -1.65 -3.90
C ALA B 73 5.45 -0.22 -3.55
N ASN B 74 4.61 0.71 -3.95
CA ASN B 74 4.84 2.13 -3.68
C ASN B 74 4.54 2.49 -2.22
N ASN B 75 4.90 1.60 -1.31
CA ASN B 75 4.66 1.81 0.10
C ASN B 75 5.78 1.31 0.99
N TYR B 76 6.21 2.15 1.92
CA TYR B 76 7.23 1.82 2.90
C TYR B 76 7.07 0.37 3.39
N ALA B 77 6.04 0.16 4.22
CA ALA B 77 5.69 -1.15 4.79
C ALA B 77 6.19 -2.36 4.01
N ARG B 78 5.58 -2.61 2.85
CA ARG B 78 5.95 -3.76 2.00
C ARG B 78 7.44 -3.81 1.69
N GLY B 79 7.98 -2.66 1.31
CA GLY B 79 9.39 -2.56 0.98
C GLY B 79 10.28 -2.79 2.19
N HIS B 80 9.81 -2.37 3.35
CA HIS B 80 10.55 -2.54 4.59
C HIS B 80 10.41 -3.94 5.17
N TYR B 81 9.21 -4.27 5.63
CA TYR B 81 8.94 -5.57 6.23
C TYR B 81 8.88 -6.70 5.17
N THR B 82 7.68 -7.27 5.05
CA THR B 82 7.36 -8.39 4.13
C THR B 82 8.44 -8.69 3.07
N ILE B 83 8.36 -8.02 1.93
CA ILE B 83 9.30 -8.24 0.84
C ILE B 83 10.73 -7.83 1.16
N GLY B 84 10.94 -6.52 1.34
CA GLY B 84 12.27 -5.97 1.64
C GLY B 84 13.16 -6.82 2.53
N LYS B 85 12.57 -7.48 3.53
CA LYS B 85 13.33 -8.35 4.43
C LYS B 85 14.02 -9.45 3.63
N GLU B 86 13.22 -10.18 2.86
CA GLU B 86 13.72 -11.26 2.00
C GLU B 86 14.97 -10.85 1.21
N ILE B 87 14.99 -9.61 0.74
CA ILE B 87 16.09 -9.10 -0.07
C ILE B 87 17.28 -8.58 0.75
N ILE B 88 17.01 -7.89 1.86
CA ILE B 88 18.08 -7.32 2.72
C ILE B 88 19.32 -8.21 2.83
N ASP B 89 19.12 -9.47 3.21
CA ASP B 89 20.20 -10.44 3.35
C ASP B 89 21.21 -10.33 2.21
N LEU B 90 20.80 -10.76 1.01
CA LEU B 90 21.63 -10.70 -0.19
C LEU B 90 22.33 -9.34 -0.33
N VAL B 91 21.55 -8.27 -0.21
CA VAL B 91 22.07 -6.91 -0.32
C VAL B 91 23.23 -6.68 0.63
N LEU B 92 22.98 -6.83 1.92
CA LEU B 92 23.99 -6.67 2.95
C LEU B 92 25.26 -7.42 2.56
N ASP B 93 25.11 -8.70 2.29
CA ASP B 93 26.22 -9.57 1.87
C ASP B 93 27.16 -8.88 0.88
N ARG B 94 26.58 -8.23 -0.13
CA ARG B 94 27.36 -7.56 -1.16
C ARG B 94 28.07 -6.33 -0.64
N ILE B 95 27.37 -5.53 0.16
CA ILE B 95 27.94 -4.31 0.72
C ILE B 95 28.86 -4.61 1.92
N ARG B 96 29.19 -5.87 2.09
CA ARG B 96 30.06 -6.32 3.17
C ARG B 96 31.29 -6.95 2.54
N LYS B 97 31.11 -7.44 1.32
CA LYS B 97 32.18 -8.08 0.58
C LYS B 97 32.98 -7.02 -0.18
N LEU B 98 32.28 -5.99 -0.63
CA LEU B 98 32.90 -4.92 -1.38
C LEU B 98 33.54 -3.93 -0.42
N ALA B 99 33.06 -3.91 0.82
CA ALA B 99 33.61 -3.04 1.84
C ALA B 99 34.89 -3.63 2.41
N ASP B 100 35.03 -4.94 2.23
CA ASP B 100 36.21 -5.64 2.71
C ASP B 100 37.29 -5.61 1.63
N GLN B 101 36.91 -6.03 0.44
CA GLN B 101 37.80 -6.09 -0.73
C GLN B 101 38.66 -4.83 -0.89
N CYS B 102 38.08 -3.66 -0.63
CA CYS B 102 38.80 -2.40 -0.74
C CYS B 102 39.86 -2.23 0.35
N THR B 103 40.38 -1.02 0.49
CA THR B 103 41.38 -0.70 1.48
C THR B 103 41.00 0.60 2.19
N GLY B 104 40.69 0.47 3.48
CA GLY B 104 40.27 1.61 4.29
C GLY B 104 39.26 2.51 3.58
N LEU B 105 37.99 2.13 3.66
CA LEU B 105 36.92 2.88 3.02
C LEU B 105 36.53 4.08 3.89
N GLN B 106 35.58 4.87 3.43
CA GLN B 106 35.17 6.04 4.19
C GLN B 106 33.69 5.98 4.58
N GLY B 107 32.90 5.26 3.81
CA GLY B 107 31.48 5.18 4.12
C GLY B 107 30.65 4.70 2.96
N PHE B 108 29.34 4.81 3.10
CA PHE B 108 28.42 4.38 2.06
C PHE B 108 27.54 5.53 1.60
N SER B 109 27.71 5.95 0.35
CA SER B 109 26.89 7.01 -0.20
C SER B 109 25.55 6.43 -0.62
N VAL B 110 24.52 6.72 0.14
CA VAL B 110 23.19 6.20 -0.14
C VAL B 110 22.43 7.12 -1.08
N PHE B 111 21.78 6.53 -2.07
CA PHE B 111 20.99 7.28 -3.04
C PHE B 111 19.55 6.77 -3.08
N HIS B 112 18.63 7.53 -2.49
CA HIS B 112 17.23 7.14 -2.47
C HIS B 112 16.30 8.32 -2.72
N SER B 113 15.06 8.04 -3.08
CA SER B 113 14.06 9.07 -3.37
C SER B 113 12.89 9.05 -2.38
N PHE B 114 13.19 9.40 -1.13
CA PHE B 114 12.22 9.48 0.00
C PHE B 114 10.81 8.91 -0.24
N GLY B 115 10.02 9.56 -1.11
CA GLY B 115 8.64 9.13 -1.35
C GLY B 115 8.50 8.06 -2.41
N GLY B 116 9.10 6.91 -2.15
CA GLY B 116 9.02 5.81 -3.09
C GLY B 116 8.65 4.54 -2.36
N GLY B 117 8.80 3.39 -3.00
CA GLY B 117 8.50 2.13 -2.35
C GLY B 117 9.76 1.51 -1.83
N THR B 118 10.67 1.21 -2.75
CA THR B 118 11.96 0.64 -2.40
C THR B 118 12.87 1.72 -1.84
N GLY B 119 12.53 2.97 -2.14
CA GLY B 119 13.32 4.09 -1.68
C GLY B 119 13.04 4.41 -0.24
N SER B 120 11.81 4.21 0.17
CA SER B 120 11.42 4.47 1.55
C SER B 120 11.76 3.24 2.41
N GLY B 121 11.03 2.16 2.16
CA GLY B 121 11.20 0.91 2.89
C GLY B 121 12.64 0.42 2.94
N PHE B 122 13.06 -0.24 1.86
CA PHE B 122 14.42 -0.78 1.73
C PHE B 122 15.50 0.01 2.48
N THR B 123 15.82 1.20 2.00
CA THR B 123 16.83 2.05 2.63
C THR B 123 16.74 2.03 4.16
N SER B 124 15.54 2.31 4.67
CA SER B 124 15.25 2.28 6.10
C SER B 124 15.92 1.13 6.87
N LEU B 125 15.77 -0.09 6.35
CA LEU B 125 16.32 -1.27 7.01
C LEU B 125 17.79 -1.47 6.66
N LEU B 126 18.21 -0.88 5.56
CA LEU B 126 19.59 -0.98 5.13
C LEU B 126 20.47 -0.13 6.06
N MET B 127 20.09 1.13 6.19
CA MET B 127 20.80 2.07 7.04
C MET B 127 20.83 1.59 8.49
N GLU B 128 19.75 0.93 8.90
CA GLU B 128 19.64 0.39 10.25
C GLU B 128 20.76 -0.61 10.49
N ARG B 129 20.78 -1.66 9.68
CA ARG B 129 21.79 -2.71 9.80
C ARG B 129 23.20 -2.22 9.45
N LEU B 130 23.28 -1.07 8.79
CA LEU B 130 24.58 -0.51 8.43
C LEU B 130 25.19 0.20 9.63
N SER B 131 24.40 1.08 10.24
CA SER B 131 24.84 1.83 11.42
C SER B 131 25.35 0.93 12.55
N VAL B 132 25.02 -0.36 12.50
CA VAL B 132 25.46 -1.29 13.53
C VAL B 132 26.71 -2.04 13.07
N ASP B 133 26.77 -2.39 11.80
CA ASP B 133 27.91 -3.12 11.25
C ASP B 133 29.06 -2.18 10.89
N TYR B 134 28.76 -0.91 10.67
CA TYR B 134 29.77 0.05 10.30
C TYR B 134 29.51 1.39 10.95
N GLY B 135 29.08 1.35 12.21
CA GLY B 135 28.83 2.58 12.96
C GLY B 135 30.03 3.52 12.94
N LYS B 136 31.21 2.93 12.83
CA LYS B 136 32.47 3.67 12.82
C LYS B 136 32.85 4.17 11.42
N LYS B 137 31.91 4.74 10.69
CA LYS B 137 32.20 5.25 9.35
C LYS B 137 31.27 6.41 9.02
N SER B 138 31.33 6.88 7.78
CA SER B 138 30.52 8.00 7.36
C SER B 138 29.30 7.53 6.56
N LYS B 139 28.15 8.12 6.85
CA LYS B 139 26.92 7.75 6.16
C LYS B 139 26.24 8.98 5.56
N LEU B 140 26.75 9.41 4.39
CA LEU B 140 26.21 10.56 3.68
C LEU B 140 25.29 10.12 2.54
N GLU B 141 23.99 10.36 2.70
CA GLU B 141 22.99 9.98 1.71
C GLU B 141 22.40 11.15 0.93
N PHE B 142 22.45 11.07 -0.40
CA PHE B 142 21.88 12.11 -1.26
C PHE B 142 20.45 11.71 -1.65
N SER B 143 19.47 12.33 -1.02
CA SER B 143 18.07 12.01 -1.27
C SER B 143 17.36 13.04 -2.16
N ILE B 144 16.20 12.64 -2.67
CA ILE B 144 15.36 13.47 -3.53
C ILE B 144 13.98 13.62 -2.89
N TYR B 145 13.85 14.61 -2.02
CA TYR B 145 12.62 14.84 -1.27
C TYR B 145 11.43 15.33 -2.11
N PRO B 146 10.25 14.74 -1.81
CA PRO B 146 8.94 15.06 -2.39
C PRO B 146 8.71 16.50 -2.83
N ALA B 147 8.33 16.67 -4.09
CA ALA B 147 8.03 18.00 -4.63
C ALA B 147 6.93 18.67 -3.80
N PRO B 148 7.13 19.94 -3.42
CA PRO B 148 6.19 20.70 -2.58
C PRO B 148 4.72 20.71 -3.02
N GLN B 149 4.46 20.66 -4.33
CA GLN B 149 3.08 20.68 -4.80
C GLN B 149 2.87 19.76 -5.99
N VAL B 150 3.93 19.48 -6.72
CA VAL B 150 3.86 18.61 -7.88
C VAL B 150 4.38 17.22 -7.52
N SER B 151 3.72 16.60 -6.56
CA SER B 151 4.11 15.28 -6.12
C SER B 151 3.69 14.23 -7.14
N THR B 152 4.10 13.00 -6.91
CA THR B 152 3.76 11.92 -7.81
C THR B 152 2.85 10.92 -7.11
N ALA B 153 3.43 10.12 -6.24
CA ALA B 153 2.67 9.14 -5.46
C ALA B 153 1.55 9.83 -4.67
N VAL B 154 0.45 9.13 -4.48
CA VAL B 154 -0.66 9.66 -3.71
C VAL B 154 -0.35 9.54 -2.21
N VAL B 155 0.40 8.51 -1.88
CA VAL B 155 0.78 8.26 -0.48
C VAL B 155 2.05 9.01 -0.11
N GLU B 156 2.87 9.31 -1.14
CA GLU B 156 4.15 10.04 -1.03
C GLU B 156 4.60 10.49 0.37
N PRO B 157 3.88 11.43 1.03
CA PRO B 157 4.24 11.90 2.37
C PRO B 157 4.41 10.77 3.39
N TYR B 158 3.46 9.83 3.41
CA TYR B 158 3.50 8.69 4.33
C TYR B 158 4.84 7.96 4.23
N ASN B 159 5.26 7.71 2.99
CA ASN B 159 6.51 7.02 2.70
C ASN B 159 7.74 7.82 3.09
N SER B 160 7.56 9.12 3.30
CA SER B 160 8.69 9.97 3.65
C SER B 160 8.75 10.25 5.15
N ILE B 161 7.65 10.05 5.85
CA ILE B 161 7.62 10.29 7.29
C ILE B 161 8.12 9.05 8.03
N LEU B 162 8.07 7.91 7.35
CA LEU B 162 8.52 6.66 7.94
C LEU B 162 10.01 6.46 7.68
N THR B 163 10.49 7.01 6.58
CA THR B 163 11.89 6.91 6.20
C THR B 163 12.71 7.97 6.92
N THR B 164 12.05 9.04 7.33
CA THR B 164 12.72 10.12 8.04
C THR B 164 13.02 9.71 9.48
N HIS B 165 12.08 8.99 10.08
CA HIS B 165 12.20 8.55 11.47
C HIS B 165 13.36 7.57 11.63
N THR B 166 13.59 6.75 10.63
CA THR B 166 14.66 5.76 10.70
C THR B 166 16.00 6.34 10.21
N THR B 167 15.96 7.36 9.38
CA THR B 167 17.20 7.93 8.85
C THR B 167 17.74 8.95 9.84
N LEU B 168 16.85 9.66 10.52
CA LEU B 168 17.24 10.63 11.52
C LEU B 168 18.22 10.02 12.53
N GLU B 169 17.87 8.84 13.02
CA GLU B 169 18.66 8.15 14.03
C GLU B 169 19.69 7.16 13.46
N HIS B 170 20.07 7.27 12.19
CA HIS B 170 21.05 6.32 11.65
C HIS B 170 22.02 6.96 10.67
N SER B 171 21.57 7.96 9.94
CA SER B 171 22.43 8.63 8.98
C SER B 171 23.16 9.80 9.64
N ASP B 172 24.24 10.24 9.02
CA ASP B 172 25.03 11.34 9.56
C ASP B 172 24.65 12.64 8.90
N CYS B 173 24.62 12.64 7.58
CA CYS B 173 24.26 13.83 6.83
C CYS B 173 23.56 13.40 5.54
N ALA B 174 22.34 13.84 5.38
CA ALA B 174 21.56 13.51 4.20
C ALA B 174 21.31 14.73 3.33
N PHE B 175 21.91 14.76 2.16
CA PHE B 175 21.73 15.88 1.26
C PHE B 175 20.37 15.75 0.60
N MET B 176 19.71 16.87 0.37
CA MET B 176 18.39 16.84 -0.22
C MET B 176 18.27 17.78 -1.42
N VAL B 177 17.60 17.27 -2.44
CA VAL B 177 17.37 18.02 -3.66
C VAL B 177 15.89 17.95 -4.03
N ASP B 178 15.27 19.11 -4.10
CA ASP B 178 13.85 19.20 -4.40
C ASP B 178 13.58 18.93 -5.87
N ASN B 179 12.86 17.84 -6.12
CA ASN B 179 12.51 17.42 -7.49
C ASN B 179 11.82 18.54 -8.27
N GLU B 180 10.86 19.20 -7.64
CA GLU B 180 10.12 20.29 -8.27
C GLU B 180 11.08 21.43 -8.62
N ALA B 181 11.81 21.87 -7.61
CA ALA B 181 12.78 22.95 -7.76
C ALA B 181 13.85 22.68 -8.82
N ILE B 182 13.85 21.49 -9.42
CA ILE B 182 14.82 21.16 -10.44
C ILE B 182 14.26 21.60 -11.79
N TYR B 183 12.94 21.53 -11.92
CA TYR B 183 12.28 21.97 -13.15
C TYR B 183 12.48 23.47 -13.28
N ASP B 184 12.33 24.16 -12.15
CA ASP B 184 12.52 25.60 -12.10
C ASP B 184 13.86 25.98 -12.69
N ILE B 185 14.91 25.28 -12.23
CA ILE B 185 16.27 25.50 -12.69
C ILE B 185 16.39 25.28 -14.21
N CYS B 186 15.64 24.32 -14.73
CA CYS B 186 15.68 24.03 -16.16
C CYS B 186 14.91 25.06 -16.95
N ARG B 187 14.05 25.80 -16.27
CA ARG B 187 13.23 26.81 -16.90
C ARG B 187 13.90 28.18 -16.83
N ARG B 188 14.29 28.57 -15.62
CA ARG B 188 14.91 29.87 -15.41
C ARG B 188 16.42 29.87 -15.68
N ASN B 189 17.09 28.75 -15.39
CA ASN B 189 18.53 28.64 -15.55
C ASN B 189 18.94 27.59 -16.59
N LEU B 190 18.29 27.61 -17.75
CA LEU B 190 18.59 26.67 -18.82
C LEU B 190 17.64 26.86 -19.99
N ASP B 191 16.43 27.33 -19.66
CA ASP B 191 15.39 27.58 -20.65
C ASP B 191 15.13 26.32 -21.49
N ILE B 192 14.12 25.54 -21.09
CA ILE B 192 13.75 24.29 -21.75
C ILE B 192 12.52 23.72 -21.06
N GLU B 193 11.44 23.56 -21.81
CA GLU B 193 10.21 23.04 -21.26
C GLU B 193 10.11 21.53 -21.48
N ARG B 194 11.19 20.93 -21.95
CA ARG B 194 11.22 19.50 -22.20
C ARG B 194 12.25 18.74 -21.32
N PRO B 195 12.14 18.82 -19.98
CA PRO B 195 13.07 18.14 -19.09
C PRO B 195 12.58 16.73 -18.69
N THR B 196 13.22 15.73 -19.26
CA THR B 196 12.93 14.33 -18.96
C THR B 196 13.66 13.93 -17.68
N TYR B 197 13.23 12.86 -17.03
CA TYR B 197 13.90 12.40 -15.81
C TYR B 197 15.41 12.28 -16.06
N THR B 198 15.77 11.73 -17.23
CA THR B 198 17.16 11.56 -17.63
C THR B 198 17.93 12.89 -17.69
N ASN B 199 17.19 14.00 -17.65
CA ASN B 199 17.80 15.32 -17.69
C ASN B 199 18.03 15.79 -16.27
N LEU B 200 16.95 15.74 -15.47
CA LEU B 200 17.00 16.10 -14.06
C LEU B 200 18.14 15.34 -13.37
N ASN B 201 18.30 14.08 -13.76
CA ASN B 201 19.33 13.21 -13.20
C ASN B 201 20.72 13.75 -13.52
N ARG B 202 20.88 14.34 -14.70
CA ARG B 202 22.16 14.90 -15.13
C ARG B 202 22.58 16.05 -14.22
N LEU B 203 21.59 16.73 -13.65
CA LEU B 203 21.85 17.84 -12.75
C LEU B 203 22.51 17.30 -11.50
N ILE B 204 21.79 16.43 -10.80
CA ILE B 204 22.30 15.80 -9.59
C ILE B 204 23.64 15.11 -9.88
N GLY B 205 23.68 14.41 -11.01
CA GLY B 205 24.89 13.70 -11.44
C GLY B 205 26.08 14.62 -11.60
N GLN B 206 25.82 15.91 -11.68
CA GLN B 206 26.86 16.91 -11.85
C GLN B 206 27.32 17.37 -10.48
N ILE B 207 26.39 17.91 -9.70
CA ILE B 207 26.70 18.37 -8.35
C ILE B 207 27.40 17.27 -7.53
N VAL B 208 26.96 16.02 -7.69
CA VAL B 208 27.55 14.89 -6.96
C VAL B 208 28.98 14.63 -7.40
N SER B 209 29.27 14.80 -8.69
CA SER B 209 30.62 14.60 -9.21
C SER B 209 31.58 15.54 -8.49
N SER B 210 31.07 16.68 -8.08
CA SER B 210 31.87 17.66 -7.34
C SER B 210 31.99 17.24 -5.88
N ILE B 211 31.00 16.50 -5.41
CA ILE B 211 30.99 15.99 -4.05
C ILE B 211 32.04 14.91 -3.90
N THR B 212 31.70 13.69 -4.26
CA THR B 212 32.66 12.60 -4.16
C THR B 212 33.81 12.74 -5.17
N ALA B 213 33.60 12.19 -6.37
CA ALA B 213 34.56 12.22 -7.49
C ALA B 213 35.74 13.20 -7.38
N SER B 214 35.52 14.45 -7.82
CA SER B 214 36.56 15.48 -7.82
C SER B 214 37.20 15.73 -6.45
N LEU B 215 36.42 15.62 -5.39
CA LEU B 215 36.92 15.81 -4.04
C LEU B 215 37.94 14.73 -3.68
N ARG B 216 37.62 13.48 -4.04
CA ARG B 216 38.52 12.35 -3.78
C ARG B 216 39.80 12.49 -4.59
N PHE B 217 39.83 13.48 -5.47
CA PHE B 217 40.98 13.75 -6.30
C PHE B 217 41.74 14.91 -5.69
N ASP B 218 43.06 14.75 -5.58
CA ASP B 218 43.94 15.79 -5.03
C ASP B 218 43.60 17.20 -5.53
N GLY B 219 44.01 18.19 -4.76
CA GLY B 219 43.72 19.57 -5.10
C GLY B 219 44.43 20.51 -4.15
N ALA B 220 44.14 21.80 -4.27
CA ALA B 220 44.79 22.81 -3.44
C ALA B 220 44.19 22.92 -2.04
N LEU B 221 43.07 22.26 -1.80
CA LEU B 221 42.43 22.32 -0.50
C LEU B 221 41.55 21.11 -0.23
N ASN B 222 42.12 19.92 -0.46
CA ASN B 222 41.44 18.63 -0.26
C ASN B 222 40.42 18.66 0.88
N VAL B 223 39.33 17.92 0.70
CA VAL B 223 38.27 17.86 1.70
C VAL B 223 37.77 16.43 1.82
N ASP B 224 38.09 15.81 2.94
CA ASP B 224 37.67 14.44 3.18
C ASP B 224 36.17 14.38 3.44
N LEU B 225 35.60 13.18 3.33
CA LEU B 225 34.17 12.99 3.57
C LEU B 225 33.83 13.25 5.03
N THR B 226 34.66 12.73 5.94
CA THR B 226 34.46 12.94 7.38
C THR B 226 34.21 14.41 7.66
N GLU B 227 35.12 15.26 7.17
CA GLU B 227 35.02 16.71 7.28
C GLU B 227 33.57 17.19 7.22
N PHE B 228 32.86 16.75 6.19
CA PHE B 228 31.45 17.09 5.98
C PHE B 228 30.65 16.92 7.24
N GLN B 229 30.20 15.69 7.50
CA GLN B 229 29.42 15.36 8.71
C GLN B 229 29.85 16.16 9.93
N THR B 230 31.16 16.34 10.10
CA THR B 230 31.67 17.10 11.23
C THR B 230 31.29 18.59 11.15
N ASN B 231 31.74 19.26 10.08
CA ASN B 231 31.48 20.68 9.88
C ASN B 231 30.09 21.03 9.36
N LEU B 232 29.28 20.04 9.01
CA LEU B 232 27.94 20.32 8.46
C LEU B 232 26.82 20.04 9.46
N VAL B 233 27.06 19.13 10.40
CA VAL B 233 26.03 18.83 11.39
C VAL B 233 26.48 19.26 12.78
N PRO B 234 25.70 20.14 13.40
CA PRO B 234 25.99 20.66 14.73
C PRO B 234 25.51 19.73 15.84
N TYR B 235 24.59 18.85 15.51
CA TYR B 235 24.03 17.92 16.48
C TYR B 235 23.84 16.53 15.87
N PRO B 236 24.08 15.48 16.69
CA PRO B 236 23.94 14.06 16.32
C PRO B 236 22.81 13.73 15.33
N ARG B 237 21.75 14.52 15.37
CA ARG B 237 20.60 14.35 14.48
C ARG B 237 21.05 14.36 13.01
N GLY B 238 20.60 13.36 12.26
CA GLY B 238 20.91 13.21 10.83
C GLY B 238 20.59 14.39 9.91
N HIS B 239 20.77 15.62 10.41
CA HIS B 239 20.57 16.88 9.67
C HIS B 239 20.54 16.73 8.14
N PHE B 240 19.56 17.36 7.52
CA PHE B 240 19.42 17.29 6.07
C PHE B 240 19.74 18.63 5.42
N PRO B 241 20.98 18.80 4.92
CA PRO B 241 21.42 20.02 4.25
C PRO B 241 20.89 20.09 2.81
N LEU B 242 21.20 21.19 2.13
CA LEU B 242 20.73 21.38 0.76
C LEU B 242 21.87 21.43 -0.24
N ALA B 243 21.65 20.85 -1.41
CA ALA B 243 22.63 20.81 -2.48
C ALA B 243 22.37 21.95 -3.46
N THR B 244 23.43 22.55 -3.97
CA THR B 244 23.31 23.66 -4.91
C THR B 244 24.45 23.66 -5.94
N TYR B 245 24.16 24.11 -7.15
CA TYR B 245 25.15 24.20 -8.21
C TYR B 245 25.17 25.64 -8.71
N ALA B 246 26.33 26.12 -9.13
CA ALA B 246 26.45 27.50 -9.57
C ALA B 246 26.38 27.75 -11.08
N PRO B 247 27.39 27.34 -11.87
CA PRO B 247 27.40 27.59 -13.32
C PRO B 247 26.39 26.75 -14.08
N VAL B 248 25.12 27.10 -13.93
CA VAL B 248 24.03 26.40 -14.61
C VAL B 248 23.57 27.20 -15.81
N ILE B 249 24.49 27.59 -16.67
CA ILE B 249 24.13 28.37 -17.84
C ILE B 249 23.89 27.44 -19.04
N SER B 250 22.99 27.85 -19.92
CA SER B 250 22.63 27.08 -21.10
C SER B 250 23.67 27.22 -22.21
N ALA B 251 24.09 26.10 -22.76
CA ALA B 251 25.08 26.09 -23.83
C ALA B 251 24.41 26.30 -25.19
N GLU B 252 23.62 27.35 -25.29
CA GLU B 252 22.90 27.65 -26.53
C GLU B 252 22.36 29.06 -26.48
N LYS B 253 21.46 29.31 -25.53
CA LYS B 253 20.86 30.62 -25.32
C LYS B 253 21.92 31.66 -25.00
N ALA B 254 22.03 32.04 -23.74
CA ALA B 254 23.03 33.00 -23.31
C ALA B 254 24.42 32.37 -23.38
N TYR B 255 25.44 33.21 -23.35
CA TYR B 255 26.83 32.76 -23.39
C TYR B 255 27.70 33.79 -22.68
N HIS B 256 27.84 33.62 -21.38
CA HIS B 256 28.62 34.56 -20.57
C HIS B 256 29.73 33.85 -19.80
N GLU B 257 29.88 32.53 -20.06
CA GLU B 257 30.88 31.64 -19.42
C GLU B 257 31.81 32.32 -18.42
N GLN B 258 32.70 33.18 -18.94
CA GLN B 258 33.67 33.96 -18.13
C GLN B 258 32.99 34.76 -17.02
N LEU B 259 32.71 34.08 -15.92
CA LEU B 259 32.06 34.68 -14.78
C LEU B 259 32.88 34.55 -13.51
N SER B 260 33.82 35.47 -13.31
CA SER B 260 34.71 35.48 -12.12
C SER B 260 34.05 34.93 -10.83
N VAL B 261 34.88 34.28 -10.01
CA VAL B 261 34.45 33.67 -8.74
C VAL B 261 33.33 34.42 -8.02
N ALA B 262 33.65 35.65 -7.62
CA ALA B 262 32.71 36.54 -6.91
C ALA B 262 31.26 36.48 -7.40
N GLU B 263 31.07 36.15 -8.67
CA GLU B 263 29.74 36.06 -9.25
C GLU B 263 29.19 34.64 -9.14
N ILE B 264 29.96 33.65 -9.61
CA ILE B 264 29.54 32.25 -9.55
C ILE B 264 29.21 31.83 -8.10
N THR B 265 29.84 32.49 -7.15
CA THR B 265 29.62 32.19 -5.74
C THR B 265 28.34 32.88 -5.24
N ASN B 266 28.06 34.05 -5.79
CA ASN B 266 26.89 34.83 -5.41
C ASN B 266 25.60 34.21 -5.96
N ALA B 267 25.74 33.48 -7.06
CA ALA B 267 24.60 32.83 -7.71
C ALA B 267 24.15 31.57 -6.96
N CYS B 268 24.80 31.30 -5.84
CA CYS B 268 24.46 30.13 -5.04
C CYS B 268 23.44 30.48 -3.97
N PHE B 269 23.52 31.71 -3.48
CA PHE B 269 22.63 32.16 -2.41
C PHE B 269 21.27 32.63 -2.93
N GLU B 270 21.16 32.83 -4.24
CA GLU B 270 19.89 33.26 -4.82
C GLU B 270 18.86 32.13 -4.83
N PRO B 271 17.64 32.39 -4.30
CA PRO B 271 16.57 31.38 -4.22
C PRO B 271 16.19 30.74 -5.55
N ALA B 272 16.49 31.41 -6.66
CA ALA B 272 16.18 30.85 -7.98
C ALA B 272 17.37 30.06 -8.51
N ASN B 273 18.06 29.35 -7.62
CA ASN B 273 19.20 28.53 -7.99
C ASN B 273 19.72 27.74 -6.79
N GLN B 274 18.82 27.19 -5.99
CA GLN B 274 19.25 26.47 -4.81
C GLN B 274 18.80 25.01 -4.82
N MET B 275 18.36 24.55 -5.99
CA MET B 275 17.92 23.16 -6.20
C MET B 275 17.04 22.67 -5.05
N VAL B 276 16.16 23.54 -4.55
CA VAL B 276 15.29 23.19 -3.44
C VAL B 276 14.27 24.29 -3.15
N LYS B 277 13.00 23.92 -3.07
CA LYS B 277 11.94 24.89 -2.78
C LYS B 277 11.93 25.24 -1.29
N CYS B 278 13.10 25.57 -0.77
CA CYS B 278 13.25 25.92 0.63
C CYS B 278 13.72 27.36 0.78
N ASP B 279 13.18 28.23 -0.10
CA ASP B 279 13.46 29.67 -0.11
C ASP B 279 13.81 30.20 1.27
N PRO B 280 14.93 30.94 1.41
CA PRO B 280 15.38 31.52 2.70
C PRO B 280 14.39 32.52 3.33
N ARG B 281 13.17 32.05 3.55
CA ARG B 281 12.10 32.85 4.16
C ARG B 281 12.42 33.20 5.62
N HIS B 282 13.42 32.54 6.18
CA HIS B 282 13.81 32.75 7.58
C HIS B 282 14.94 31.81 7.97
N GLY B 283 15.03 30.68 7.25
CA GLY B 283 16.07 29.71 7.51
C GLY B 283 17.48 30.29 7.50
N LYS B 284 18.05 30.42 8.68
CA LYS B 284 19.39 30.95 8.86
C LYS B 284 20.43 29.87 8.60
N TYR B 285 21.47 30.21 7.84
CA TYR B 285 22.53 29.25 7.57
C TYR B 285 23.26 28.93 8.87
N MET B 286 23.86 27.75 8.96
CA MET B 286 24.57 27.36 10.19
C MET B 286 25.87 26.66 9.88
N ALA B 287 26.16 26.50 8.59
CA ALA B 287 27.37 25.84 8.11
C ALA B 287 27.22 25.60 6.62
N CYS B 288 28.16 26.10 5.84
CA CYS B 288 28.12 25.95 4.40
C CYS B 288 29.44 25.41 3.89
N CYS B 289 29.38 24.51 2.92
CA CYS B 289 30.59 23.91 2.35
C CYS B 289 30.70 24.27 0.87
N LEU B 290 31.31 25.40 0.59
CA LEU B 290 31.51 25.87 -0.77
C LEU B 290 32.60 25.05 -1.46
N LEU B 291 32.21 24.04 -2.22
CA LEU B 291 33.16 23.21 -2.95
C LEU B 291 33.42 23.79 -4.33
N TYR B 292 34.65 24.25 -4.54
CA TYR B 292 35.03 24.82 -5.81
C TYR B 292 35.88 23.82 -6.60
N ARG B 293 35.93 24.00 -7.89
CA ARG B 293 36.74 23.15 -8.77
C ARG B 293 37.09 23.94 -10.02
N GLY B 294 38.29 23.77 -10.52
CA GLY B 294 38.69 24.52 -11.69
C GLY B 294 39.67 25.61 -11.32
N ASP B 295 39.73 26.65 -12.14
CA ASP B 295 40.64 27.76 -11.88
C ASP B 295 40.07 28.68 -10.80
N VAL B 296 40.57 28.51 -9.58
CA VAL B 296 40.13 29.30 -8.44
C VAL B 296 41.31 29.70 -7.55
N VAL B 297 41.47 30.98 -7.34
CA VAL B 297 42.54 31.51 -6.50
C VAL B 297 42.06 31.58 -5.05
N PRO B 298 42.77 30.90 -4.12
CA PRO B 298 42.42 30.88 -2.70
C PRO B 298 42.08 32.26 -2.14
N LYS B 299 42.76 33.30 -2.63
CA LYS B 299 42.51 34.66 -2.17
C LYS B 299 41.23 35.20 -2.78
N ASP B 300 41.05 34.97 -4.08
CA ASP B 300 39.85 35.39 -4.79
C ASP B 300 38.62 34.85 -4.07
N VAL B 301 38.78 33.62 -3.56
CA VAL B 301 37.73 32.95 -2.80
C VAL B 301 37.60 33.62 -1.44
N ASN B 302 38.72 33.70 -0.72
CA ASN B 302 38.76 34.34 0.59
C ASN B 302 38.60 35.87 0.44
N ALA B 303 37.51 36.25 -0.18
CA ALA B 303 37.14 37.63 -0.45
C ALA B 303 35.69 37.64 -0.91
N ALA B 304 35.40 36.76 -1.87
CA ALA B 304 34.05 36.62 -2.40
C ALA B 304 33.13 36.12 -1.29
N ILE B 305 33.70 35.31 -0.40
CA ILE B 305 32.97 34.77 0.73
C ILE B 305 32.84 35.85 1.80
N ALA B 306 33.91 36.62 1.98
CA ALA B 306 33.93 37.70 2.97
C ALA B 306 32.84 38.71 2.65
N THR B 307 32.77 39.12 1.38
CA THR B 307 31.76 40.06 0.94
C THR B 307 30.34 39.55 1.24
N ILE B 308 30.14 38.25 1.05
CA ILE B 308 28.85 37.63 1.33
C ILE B 308 28.56 37.70 2.82
N LYS B 309 29.52 37.25 3.63
CA LYS B 309 29.40 37.29 5.09
C LYS B 309 29.00 38.68 5.60
N THR B 310 29.25 39.72 4.81
CA THR B 310 28.93 41.09 5.20
C THR B 310 27.83 41.65 4.31
N LYS B 311 27.02 40.75 3.76
CA LYS B 311 25.91 41.13 2.90
C LYS B 311 24.64 41.23 3.74
N ARG B 312 24.75 40.75 4.98
CA ARG B 312 23.65 40.74 5.96
C ARG B 312 22.40 39.94 5.53
N THR B 313 22.00 40.02 4.27
CA THR B 313 20.83 39.30 3.78
C THR B 313 21.00 37.77 3.83
N ILE B 314 22.17 37.32 4.23
CA ILE B 314 22.45 35.89 4.33
C ILE B 314 22.49 35.46 5.81
N GLN B 315 21.97 36.37 6.67
CA GLN B 315 21.90 36.18 8.14
C GLN B 315 22.19 34.77 8.63
N PHE B 316 23.30 34.62 9.34
CA PHE B 316 23.70 33.33 9.89
C PHE B 316 23.14 33.20 11.30
N VAL B 317 23.04 31.96 11.80
CA VAL B 317 22.55 31.74 13.16
C VAL B 317 23.44 32.50 14.15
N ASP B 318 22.95 32.71 15.35
CA ASP B 318 23.69 33.46 16.36
C ASP B 318 24.90 32.69 16.86
N TRP B 319 24.65 31.56 17.52
CA TRP B 319 25.73 30.71 18.07
C TRP B 319 26.77 30.23 17.06
N CYS B 320 26.75 30.74 15.84
CA CYS B 320 27.70 30.30 14.82
C CYS B 320 28.45 31.49 14.23
N PRO B 321 29.71 31.68 14.66
CA PRO B 321 30.57 32.78 14.18
C PRO B 321 30.89 32.64 12.70
N THR B 322 31.68 31.63 12.36
CA THR B 322 32.07 31.39 10.99
C THR B 322 31.63 30.00 10.55
N GLY B 323 30.82 29.95 9.49
CA GLY B 323 30.35 28.69 8.98
C GLY B 323 30.51 28.64 7.48
N PHE B 324 31.76 28.65 7.04
CA PHE B 324 32.08 28.62 5.62
C PHE B 324 33.29 27.73 5.36
N LYS B 325 33.02 26.51 4.96
CA LYS B 325 34.07 25.55 4.66
C LYS B 325 34.55 25.72 3.23
N VAL B 326 35.74 26.26 3.07
CA VAL B 326 36.29 26.51 1.75
C VAL B 326 36.93 25.23 1.22
N GLY B 327 36.30 24.64 0.22
CA GLY B 327 36.83 23.44 -0.40
C GLY B 327 37.32 23.75 -1.79
N ILE B 328 38.62 23.59 -2.02
CA ILE B 328 39.18 23.88 -3.33
C ILE B 328 39.68 22.61 -4.00
N ASN B 329 39.16 22.35 -5.19
CA ASN B 329 39.53 21.19 -5.97
C ASN B 329 40.32 21.66 -7.18
N TYR B 330 40.93 20.75 -7.90
CA TYR B 330 41.71 21.12 -9.06
C TYR B 330 40.88 20.98 -10.32
N GLU B 331 40.65 19.74 -10.74
CA GLU B 331 39.88 19.44 -11.94
C GLU B 331 38.59 20.23 -12.06
N PRO B 332 38.46 21.03 -13.13
CA PRO B 332 37.25 21.83 -13.39
C PRO B 332 36.05 20.90 -13.60
N PRO B 333 34.82 21.44 -13.69
CA PRO B 333 33.64 20.63 -13.90
C PRO B 333 33.71 19.84 -15.20
N THR B 334 32.70 19.03 -15.46
CA THR B 334 32.69 18.20 -16.67
C THR B 334 31.29 18.12 -17.23
N VAL B 335 31.03 18.90 -18.26
CA VAL B 335 29.74 18.93 -18.91
C VAL B 335 29.61 17.81 -19.93
N VAL B 336 28.42 17.23 -20.04
CA VAL B 336 28.16 16.19 -21.02
C VAL B 336 28.48 16.73 -22.42
N PRO B 337 29.23 15.95 -23.23
CA PRO B 337 29.62 16.34 -24.60
C PRO B 337 28.53 17.07 -25.39
N GLY B 338 27.29 16.66 -25.21
CA GLY B 338 26.22 17.29 -25.93
C GLY B 338 24.91 17.37 -25.15
N GLY B 339 25.02 17.77 -23.89
CA GLY B 339 23.85 17.90 -23.05
C GLY B 339 23.17 19.24 -23.29
N ASP B 340 23.34 20.17 -22.34
CA ASP B 340 22.77 21.52 -22.47
C ASP B 340 23.52 22.48 -21.54
N LEU B 341 24.57 21.97 -20.91
CA LEU B 341 25.36 22.76 -19.98
C LEU B 341 26.48 23.51 -20.68
N ALA B 342 26.57 24.82 -20.42
CA ALA B 342 27.61 25.68 -20.98
C ALA B 342 28.99 25.03 -21.06
N LYS B 343 29.63 24.91 -19.88
CA LYS B 343 30.99 24.34 -19.71
C LYS B 343 32.02 25.42 -19.38
N VAL B 344 32.10 25.76 -18.10
CA VAL B 344 33.03 26.77 -17.60
C VAL B 344 34.32 26.10 -17.11
N GLN B 345 35.28 26.90 -16.65
CA GLN B 345 36.56 26.38 -16.16
C GLN B 345 36.68 26.62 -14.67
N ARG B 346 35.55 26.47 -13.99
CA ARG B 346 35.43 26.68 -12.55
C ARG B 346 33.97 26.66 -12.16
N ALA B 347 33.68 26.11 -10.99
CA ALA B 347 32.32 26.03 -10.52
C ALA B 347 32.28 26.15 -9.01
N VAL B 348 31.11 26.44 -8.49
CA VAL B 348 30.93 26.57 -7.04
C VAL B 348 29.76 25.70 -6.62
N CYS B 349 30.07 24.54 -6.11
CA CYS B 349 29.06 23.63 -5.64
C CYS B 349 28.91 23.84 -4.15
N MET B 350 28.07 24.78 -3.81
CA MET B 350 27.85 25.14 -2.42
C MET B 350 26.70 24.38 -1.84
N LEU B 351 26.97 23.77 -0.70
CA LEU B 351 25.98 23.03 0.04
C LEU B 351 25.97 23.62 1.43
N SER B 352 24.89 23.48 2.15
CA SER B 352 24.84 24.05 3.48
C SER B 352 23.64 23.56 4.26
N ASN B 353 23.74 23.72 5.57
CA ASN B 353 22.67 23.36 6.48
C ASN B 353 21.97 24.64 6.87
N THR B 354 20.69 24.72 6.60
CA THR B 354 19.92 25.92 6.91
C THR B 354 18.65 25.56 7.65
N THR B 355 18.31 26.34 8.67
CA THR B 355 17.08 26.12 9.43
C THR B 355 15.84 26.30 8.53
N ALA B 356 16.10 26.51 7.24
CA ALA B 356 15.07 26.70 6.23
C ALA B 356 14.20 25.46 6.09
N ILE B 357 14.83 24.28 6.21
CA ILE B 357 14.12 23.01 6.10
C ILE B 357 12.88 22.96 7.01
N ALA B 358 12.80 23.87 7.98
CA ALA B 358 11.64 23.96 8.87
C ALA B 358 10.37 24.02 8.03
N GLU B 359 10.49 24.71 6.90
CA GLU B 359 9.41 24.85 5.94
C GLU B 359 9.13 23.48 5.34
N ALA B 360 9.94 23.09 4.36
CA ALA B 360 9.88 21.77 3.70
C ALA B 360 9.33 20.65 4.58
N TRP B 361 9.78 20.58 5.84
CA TRP B 361 9.31 19.55 6.76
C TRP B 361 7.85 19.77 7.12
N ALA B 362 7.53 20.99 7.54
CA ALA B 362 6.16 21.37 7.89
C ALA B 362 5.20 20.93 6.78
N ARG B 363 5.42 21.49 5.59
CA ARG B 363 4.59 21.18 4.41
C ARG B 363 4.43 19.68 4.13
N LEU B 364 5.37 18.87 4.60
CA LEU B 364 5.29 17.43 4.39
C LEU B 364 4.63 16.75 5.57
N ASP B 365 4.74 17.42 6.72
CA ASP B 365 4.15 16.96 7.96
C ASP B 365 2.65 17.14 7.86
N HIS B 366 2.26 18.37 7.51
CA HIS B 366 0.86 18.71 7.32
C HIS B 366 0.20 17.71 6.38
N LYS B 367 0.78 17.56 5.18
CA LYS B 367 0.31 16.61 4.17
C LYS B 367 -0.05 15.28 4.83
N PHE B 368 0.98 14.62 5.37
CA PHE B 368 0.84 13.35 6.08
C PHE B 368 -0.36 13.38 7.02
N ASP B 369 -0.30 14.32 7.97
CA ASP B 369 -1.33 14.50 8.98
C ASP B 369 -2.74 14.51 8.37
N LEU B 370 -2.96 15.45 7.44
CA LEU B 370 -4.24 15.59 6.74
C LEU B 370 -4.84 14.24 6.36
N MET B 371 -4.02 13.41 5.73
CA MET B 371 -4.45 12.08 5.30
C MET B 371 -4.62 11.13 6.48
N TYR B 372 -3.65 11.16 7.39
CA TYR B 372 -3.67 10.31 8.59
C TYR B 372 -4.97 10.46 9.37
N ALA B 373 -5.48 11.69 9.41
CA ALA B 373 -6.73 12.02 10.11
C ALA B 373 -7.91 11.14 9.67
N LYS B 374 -7.81 10.51 8.50
CA LYS B 374 -8.88 9.66 8.01
C LYS B 374 -8.36 8.26 7.73
N ARG B 375 -7.10 8.04 8.06
CA ARG B 375 -6.41 6.75 7.90
C ARG B 375 -6.18 6.31 6.46
N ALA B 376 -6.89 6.92 5.51
CA ALA B 376 -6.79 6.61 4.07
C ALA B 376 -6.14 5.25 3.74
N PHE B 377 -5.04 5.27 2.98
CA PHE B 377 -4.33 4.05 2.58
C PHE B 377 -3.49 3.44 3.71
N VAL B 378 -3.99 3.46 4.94
CA VAL B 378 -3.24 2.90 6.07
C VAL B 378 -3.30 1.37 6.04
N HIS B 379 -4.48 0.83 5.75
CA HIS B 379 -4.69 -0.62 5.68
C HIS B 379 -3.74 -1.30 4.68
N TRP B 380 -3.15 -0.50 3.80
CA TRP B 380 -2.22 -1.00 2.81
C TRP B 380 -0.85 -1.20 3.43
N TYR B 381 -0.63 -0.54 4.56
CA TYR B 381 0.63 -0.65 5.29
C TYR B 381 0.49 -1.74 6.34
N VAL B 382 -0.60 -1.67 7.10
CA VAL B 382 -0.88 -2.65 8.15
C VAL B 382 -0.75 -4.08 7.63
N GLY B 383 -1.43 -4.35 6.52
CA GLY B 383 -1.41 -5.67 5.89
C GLY B 383 -0.06 -6.09 5.33
N GLU B 384 0.98 -5.35 5.65
CA GLU B 384 2.32 -5.64 5.19
C GLU B 384 3.23 -5.69 6.41
N GLY B 385 2.63 -6.11 7.52
CA GLY B 385 3.35 -6.22 8.77
C GLY B 385 3.67 -4.89 9.41
N MET B 386 2.66 -4.08 9.66
CA MET B 386 2.85 -2.78 10.30
C MET B 386 1.70 -2.49 11.25
N GLU B 387 1.77 -1.36 11.93
CA GLU B 387 0.74 -0.98 12.88
C GLU B 387 0.75 0.53 13.10
N GLU B 388 -0.17 1.00 13.93
CA GLU B 388 -0.29 2.43 14.25
C GLU B 388 0.97 2.93 14.95
N GLY B 389 1.77 1.99 15.44
CA GLY B 389 3.00 2.33 16.11
C GLY B 389 3.92 3.08 15.18
N GLU B 390 4.44 2.38 14.18
CA GLU B 390 5.33 2.97 13.17
C GLU B 390 4.84 4.35 12.73
N PHE B 391 3.53 4.52 12.64
CA PHE B 391 2.94 5.80 12.25
C PHE B 391 2.97 6.81 13.39
N SER B 392 2.11 6.61 14.39
CA SER B 392 1.99 7.49 15.54
C SER B 392 3.32 7.80 16.23
N GLU B 393 4.22 6.81 16.29
CA GLU B 393 5.51 7.00 16.96
C GLU B 393 6.53 7.68 16.04
N ALA B 394 6.17 7.86 14.77
CA ALA B 394 7.05 8.53 13.81
C ALA B 394 6.51 9.92 13.48
N ARG B 395 5.25 10.14 13.84
CA ARG B 395 4.62 11.42 13.60
C ARG B 395 5.11 12.37 14.68
N GLU B 396 4.89 11.97 15.93
CA GLU B 396 5.37 12.74 17.08
C GLU B 396 6.89 12.88 17.01
N ASP B 397 7.55 11.83 16.53
CA ASP B 397 9.00 11.82 16.38
C ASP B 397 9.50 12.98 15.54
N MET B 398 9.17 12.96 14.24
CA MET B 398 9.59 14.02 13.31
C MET B 398 9.17 15.38 13.83
N ALA B 399 8.06 15.41 14.56
CA ALA B 399 7.56 16.63 15.18
C ALA B 399 8.68 17.36 15.91
N ALA B 400 9.48 16.60 16.67
CA ALA B 400 10.58 17.18 17.44
C ALA B 400 11.76 17.57 16.54
N LEU B 401 11.54 17.58 15.24
CA LEU B 401 12.54 18.00 14.28
C LEU B 401 12.03 19.28 13.65
N GLU B 402 10.72 19.47 13.82
CA GLU B 402 10.03 20.65 13.35
C GLU B 402 10.17 21.70 14.44
N LYS B 403 10.30 21.19 15.66
CA LYS B 403 10.52 22.03 16.83
C LYS B 403 12.01 22.29 16.97
N ASP B 404 12.80 21.28 16.61
CA ASP B 404 14.26 21.38 16.67
C ASP B 404 14.77 22.54 15.82
N TYR B 405 14.46 22.50 14.52
CA TYR B 405 14.90 23.56 13.59
C TYR B 405 14.30 24.91 13.95
N GLU B 406 13.39 24.93 14.92
CA GLU B 406 12.78 26.15 15.38
C GLU B 406 13.49 26.62 16.63
N GLU B 407 13.75 25.69 17.54
CA GLU B 407 14.44 25.98 18.79
C GLU B 407 15.92 26.29 18.59
N VAL B 408 16.62 25.42 17.84
CA VAL B 408 18.06 25.58 17.57
C VAL B 408 18.36 26.82 16.68
N GLY B 409 17.32 27.53 16.32
CA GLY B 409 17.46 28.71 15.49
C GLY B 409 16.36 29.69 15.82
N VAL B 410 16.23 30.76 15.03
CA VAL B 410 15.19 31.78 15.25
C VAL B 410 15.33 32.48 16.63
N ASP B 411 16.17 31.93 17.47
CA ASP B 411 16.41 32.44 18.80
C ASP B 411 17.90 32.66 19.02
N SER B 412 18.24 33.81 19.56
CA SER B 412 19.63 34.17 19.83
C SER B 412 20.23 33.32 20.95
N ARG C 1 6.25 -10.95 -12.82
CA ARG C 1 4.88 -10.80 -12.34
C ARG C 1 3.88 -11.24 -13.40
N GLU C 2 3.42 -12.48 -13.29
CA GLU C 2 2.47 -13.05 -14.24
C GLU C 2 1.02 -12.76 -13.83
N ILE C 3 0.08 -13.08 -14.72
CA ILE C 3 -1.34 -12.84 -14.49
C ILE C 3 -2.15 -13.85 -15.32
N VAL C 4 -3.41 -14.09 -14.94
CA VAL C 4 -4.25 -15.05 -15.64
C VAL C 4 -5.65 -14.48 -15.93
N HIS C 5 -5.85 -14.04 -17.17
CA HIS C 5 -7.14 -13.47 -17.61
C HIS C 5 -8.29 -14.49 -17.46
N ILE C 6 -9.52 -14.00 -17.29
CA ILE C 6 -10.69 -14.88 -17.14
C ILE C 6 -11.92 -14.30 -17.87
N GLN C 7 -12.35 -14.96 -18.94
CA GLN C 7 -13.52 -14.51 -19.72
C GLN C 7 -14.79 -15.21 -19.25
N ALA C 8 -15.32 -14.78 -18.12
CA ALA C 8 -16.53 -15.37 -17.55
C ALA C 8 -17.82 -14.96 -18.28
N GLY C 9 -18.64 -15.96 -18.59
CA GLY C 9 -19.93 -15.72 -19.23
C GLY C 9 -19.87 -15.50 -20.72
N GLN C 10 -21.01 -15.09 -21.28
CA GLN C 10 -21.15 -14.85 -22.71
C GLN C 10 -20.50 -13.52 -23.09
N CYS C 11 -21.00 -12.43 -22.51
CA CYS C 11 -20.43 -11.11 -22.74
C CYS C 11 -18.93 -11.16 -22.53
N GLY C 12 -18.54 -11.49 -21.29
CA GLY C 12 -17.13 -11.60 -20.92
C GLY C 12 -16.29 -12.37 -21.94
N ASN C 13 -16.92 -13.33 -22.63
CA ASN C 13 -16.22 -14.10 -23.64
C ASN C 13 -16.08 -13.26 -24.90
N GLN C 14 -17.23 -12.79 -25.42
CA GLN C 14 -17.27 -11.94 -26.60
C GLN C 14 -16.28 -10.79 -26.48
N ILE C 15 -16.34 -10.07 -25.37
CA ILE C 15 -15.44 -8.94 -25.13
C ILE C 15 -14.00 -9.43 -24.99
N GLY C 16 -13.83 -10.56 -24.32
CA GLY C 16 -12.53 -11.16 -24.13
C GLY C 16 -11.83 -11.42 -25.44
N ALA C 17 -12.57 -12.04 -26.37
CA ALA C 17 -12.05 -12.36 -27.69
C ALA C 17 -11.52 -11.12 -28.40
N LYS C 18 -12.13 -9.97 -28.11
CA LYS C 18 -11.71 -8.71 -28.72
C LYS C 18 -10.49 -8.17 -28.00
N PHE C 19 -10.43 -8.40 -26.69
CA PHE C 19 -9.30 -7.95 -25.89
C PHE C 19 -8.03 -8.67 -26.29
N TRP C 20 -8.16 -9.94 -26.68
CA TRP C 20 -6.99 -10.71 -27.08
C TRP C 20 -6.66 -10.42 -28.53
N GLU C 21 -7.68 -10.06 -29.30
CA GLU C 21 -7.49 -9.65 -30.68
C GLU C 21 -6.56 -8.43 -30.65
N VAL C 22 -6.94 -7.46 -29.82
CA VAL C 22 -6.14 -6.25 -29.61
C VAL C 22 -4.75 -6.59 -29.04
N ILE C 23 -4.68 -6.82 -27.73
CA ILE C 23 -3.43 -7.19 -27.01
C ILE C 23 -2.36 -7.91 -27.86
N SER C 24 -2.78 -8.91 -28.62
CA SER C 24 -1.86 -9.68 -29.48
C SER C 24 -1.12 -8.74 -30.42
N ASP C 25 -1.87 -7.88 -31.09
CA ASP C 25 -1.32 -6.89 -32.02
C ASP C 25 -0.24 -6.03 -31.36
N GLU C 26 -0.39 -5.78 -30.06
CA GLU C 26 0.57 -4.98 -29.30
C GLU C 26 1.72 -5.84 -28.78
N HIS C 27 1.93 -6.98 -29.42
CA HIS C 27 2.99 -7.92 -29.04
C HIS C 27 3.36 -8.77 -30.26
N GLY C 28 2.91 -8.32 -31.43
CA GLY C 28 3.16 -9.03 -32.68
C GLY C 28 2.94 -10.53 -32.63
N ILE C 29 1.87 -10.98 -31.99
CA ILE C 29 1.61 -12.42 -31.90
C ILE C 29 0.46 -12.83 -32.79
N ASP C 30 0.80 -13.51 -33.87
CA ASP C 30 -0.18 -13.98 -34.84
C ASP C 30 -0.90 -15.22 -34.31
N PRO C 31 -2.18 -15.45 -34.74
CA PRO C 31 -3.00 -16.60 -34.38
C PRO C 31 -2.20 -17.81 -33.91
N THR C 32 -1.66 -18.55 -34.85
CA THR C 32 -0.86 -19.72 -34.53
C THR C 32 0.63 -19.36 -34.72
N GLY C 33 0.86 -18.21 -35.36
CA GLY C 33 2.20 -17.70 -35.59
C GLY C 33 3.02 -17.51 -34.32
N SER C 34 4.19 -16.92 -34.48
CA SER C 34 5.09 -16.69 -33.36
C SER C 34 5.17 -15.20 -33.01
N TYR C 35 6.37 -14.73 -32.70
CA TYR C 35 6.58 -13.33 -32.34
C TYR C 35 7.05 -12.55 -33.56
N HIS C 36 6.08 -11.92 -34.23
CA HIS C 36 6.37 -11.12 -35.41
C HIS C 36 6.66 -9.67 -35.03
N GLY C 37 6.46 -9.39 -33.73
CA GLY C 37 6.70 -8.08 -33.10
C GLY C 37 7.57 -7.11 -33.88
N ASP C 38 7.01 -5.94 -34.19
CA ASP C 38 7.72 -4.90 -34.94
C ASP C 38 9.07 -4.59 -34.29
N SER C 39 9.11 -4.68 -32.97
CA SER C 39 10.34 -4.43 -32.23
C SER C 39 10.77 -5.68 -31.47
N ASP C 40 11.58 -5.50 -30.45
CA ASP C 40 12.04 -6.60 -29.62
C ASP C 40 11.66 -6.36 -28.17
N LEU C 41 11.09 -5.18 -27.92
CA LEU C 41 10.67 -4.79 -26.59
C LEU C 41 9.32 -5.41 -26.26
N GLN C 42 8.57 -5.76 -27.30
CA GLN C 42 7.25 -6.37 -27.14
C GLN C 42 7.40 -7.87 -26.83
N LEU C 43 8.55 -8.23 -26.27
CA LEU C 43 8.86 -9.61 -25.95
C LEU C 43 9.42 -9.74 -24.53
N GLU C 44 10.08 -8.67 -24.07
CA GLU C 44 10.71 -8.65 -22.75
C GLU C 44 9.73 -8.91 -21.59
N ARG C 45 8.43 -8.80 -21.85
CA ARG C 45 7.45 -9.02 -20.80
C ARG C 45 6.29 -9.92 -21.20
N ILE C 46 6.35 -10.53 -22.41
CA ILE C 46 5.27 -11.39 -22.89
C ILE C 46 4.75 -12.36 -21.82
N ASN C 47 5.69 -13.08 -21.19
CA ASN C 47 5.42 -14.03 -20.11
C ASN C 47 4.16 -13.72 -19.29
N VAL C 48 4.05 -12.46 -18.85
CA VAL C 48 2.92 -11.97 -18.06
C VAL C 48 1.52 -12.42 -18.54
N TYR C 49 1.35 -12.58 -19.86
CA TYR C 49 0.05 -12.95 -20.41
C TYR C 49 0.10 -14.15 -21.33
N TYR C 50 1.25 -14.77 -21.45
CA TYR C 50 1.40 -15.90 -22.34
C TYR C 50 2.04 -17.08 -21.63
N ASN C 51 2.34 -18.12 -22.38
CA ASN C 51 2.93 -19.32 -21.80
C ASN C 51 3.97 -19.89 -22.76
N GLU C 52 5.06 -20.39 -22.20
CA GLU C 52 6.13 -20.96 -22.99
C GLU C 52 5.95 -22.47 -23.09
N ALA C 53 5.76 -22.98 -24.30
CA ALA C 53 5.57 -24.41 -24.50
C ALA C 53 6.44 -24.92 -25.65
N ALA C 54 6.02 -24.65 -26.87
CA ALA C 54 6.78 -25.07 -28.05
C ALA C 54 7.96 -24.15 -28.25
N GLY C 55 7.71 -23.02 -28.89
CA GLY C 55 8.74 -22.05 -29.16
C GLY C 55 8.28 -21.10 -30.22
N ASN C 56 7.09 -21.35 -30.72
CA ASN C 56 6.51 -20.54 -31.76
C ASN C 56 5.02 -20.36 -31.46
N LYS C 57 4.57 -21.08 -30.43
CA LYS C 57 3.20 -21.03 -30.02
C LYS C 57 3.08 -20.49 -28.60
N TYR C 58 3.00 -19.17 -28.47
CA TYR C 58 2.84 -18.55 -27.17
C TYR C 58 1.36 -18.37 -26.94
N VAL C 59 0.81 -19.24 -26.11
CA VAL C 59 -0.61 -19.25 -25.86
C VAL C 59 -1.04 -18.34 -24.73
N PRO C 60 -2.07 -17.52 -25.00
CA PRO C 60 -2.65 -16.60 -24.04
C PRO C 60 -3.08 -17.32 -22.78
N ARG C 61 -2.76 -16.75 -21.65
CA ARG C 61 -3.11 -17.37 -20.38
C ARG C 61 -4.42 -16.81 -19.83
N ALA C 62 -5.51 -17.24 -20.46
CA ALA C 62 -6.83 -16.82 -20.05
C ALA C 62 -7.71 -18.05 -19.81
N ILE C 63 -8.89 -17.84 -19.27
CA ILE C 63 -9.82 -18.93 -19.00
C ILE C 63 -11.16 -18.62 -19.64
N LEU C 64 -11.79 -19.62 -20.24
CA LEU C 64 -13.06 -19.43 -20.89
C LEU C 64 -14.14 -20.24 -20.20
N VAL C 65 -14.88 -19.60 -19.31
CA VAL C 65 -15.95 -20.27 -18.58
C VAL C 65 -17.33 -19.82 -19.06
N ASP C 66 -18.17 -20.77 -19.45
CA ASP C 66 -19.52 -20.46 -19.91
C ASP C 66 -20.38 -21.72 -20.01
N LEU C 67 -21.66 -21.58 -19.64
CA LEU C 67 -22.61 -22.68 -19.66
C LEU C 67 -23.40 -22.67 -20.97
N GLU C 68 -22.98 -21.83 -21.90
CA GLU C 68 -23.64 -21.74 -23.19
C GLU C 68 -22.67 -22.09 -24.29
N PRO C 69 -22.86 -23.25 -24.92
CA PRO C 69 -22.00 -23.75 -26.00
C PRO C 69 -21.80 -22.69 -27.07
N GLY C 70 -22.89 -22.30 -27.73
CA GLY C 70 -22.88 -21.28 -28.79
C GLY C 70 -21.78 -20.23 -28.65
N THR C 71 -21.60 -19.70 -27.45
CA THR C 71 -20.56 -18.70 -27.21
C THR C 71 -19.18 -19.28 -27.50
N MET C 72 -18.71 -20.15 -26.62
CA MET C 72 -17.40 -20.78 -26.78
C MET C 72 -17.25 -21.47 -28.14
N ASP C 73 -18.37 -21.86 -28.74
CA ASP C 73 -18.37 -22.54 -30.03
C ASP C 73 -18.40 -21.57 -31.21
N SER C 74 -18.31 -20.28 -30.93
CA SER C 74 -18.29 -19.28 -31.98
C SER C 74 -16.98 -18.51 -31.91
N VAL C 75 -16.45 -18.39 -30.69
CA VAL C 75 -15.20 -17.69 -30.46
C VAL C 75 -14.01 -18.56 -30.86
N ARG C 76 -14.16 -19.87 -30.70
CA ARG C 76 -13.08 -20.79 -31.03
C ARG C 76 -13.11 -21.21 -32.49
N SER C 77 -14.16 -20.81 -33.19
CA SER C 77 -14.31 -21.15 -34.60
C SER C 77 -14.07 -19.95 -35.50
N GLY C 78 -13.53 -18.87 -34.94
CA GLY C 78 -13.29 -17.69 -35.74
C GLY C 78 -11.82 -17.40 -35.96
N PRO C 79 -11.42 -16.12 -35.87
CA PRO C 79 -10.03 -15.68 -36.06
C PRO C 79 -9.07 -16.21 -34.99
N PHE C 80 -8.57 -15.30 -34.15
CA PHE C 80 -7.64 -15.63 -33.07
C PHE C 80 -8.22 -16.66 -32.08
N GLY C 81 -9.48 -17.01 -32.29
CA GLY C 81 -10.14 -17.99 -31.44
C GLY C 81 -9.43 -19.33 -31.38
N GLN C 82 -8.58 -19.62 -32.36
CA GLN C 82 -7.86 -20.89 -32.40
C GLN C 82 -6.47 -20.76 -31.80
N ILE C 83 -6.33 -19.95 -30.76
CA ILE C 83 -5.05 -19.77 -30.09
C ILE C 83 -5.12 -20.35 -28.67
N PHE C 84 -6.34 -20.45 -28.14
CA PHE C 84 -6.57 -20.96 -26.80
C PHE C 84 -6.41 -22.47 -26.74
N ARG C 85 -5.73 -22.93 -25.70
CA ARG C 85 -5.52 -24.36 -25.49
C ARG C 85 -6.84 -25.00 -25.10
N PRO C 86 -7.14 -26.21 -25.62
CA PRO C 86 -8.39 -26.92 -25.32
C PRO C 86 -8.67 -27.02 -23.82
N ASP C 87 -7.60 -27.13 -23.02
CA ASP C 87 -7.71 -27.22 -21.57
C ASP C 87 -8.37 -25.97 -20.99
N ASN C 88 -8.15 -24.84 -21.67
CA ASN C 88 -8.68 -23.55 -21.25
C ASN C 88 -10.19 -23.47 -21.40
N PHE C 89 -10.73 -24.22 -22.36
CA PHE C 89 -12.17 -24.22 -22.60
C PHE C 89 -12.92 -24.91 -21.46
N VAL C 90 -13.40 -24.13 -20.50
CA VAL C 90 -14.15 -24.70 -19.40
C VAL C 90 -15.64 -24.43 -19.63
N PHE C 91 -16.24 -25.25 -20.49
CA PHE C 91 -17.65 -25.12 -20.81
C PHE C 91 -18.56 -25.98 -19.96
N GLY C 92 -19.85 -25.67 -20.00
CA GLY C 92 -20.85 -26.40 -19.25
C GLY C 92 -22.15 -26.52 -20.02
N GLN C 93 -22.28 -27.58 -20.83
CA GLN C 93 -23.46 -27.79 -21.66
C GLN C 93 -24.81 -27.76 -20.93
N SER C 94 -24.80 -27.54 -19.61
CA SER C 94 -26.03 -27.47 -18.82
C SER C 94 -26.97 -26.36 -19.33
N GLY C 95 -27.97 -26.02 -18.52
CA GLY C 95 -28.91 -24.99 -18.92
C GLY C 95 -28.40 -23.61 -18.56
N ALA C 96 -27.89 -22.90 -19.56
CA ALA C 96 -27.31 -21.56 -19.38
C ALA C 96 -28.33 -20.47 -19.03
N GLY C 97 -29.35 -20.82 -18.25
CA GLY C 97 -30.36 -19.86 -17.82
C GLY C 97 -29.77 -18.50 -17.44
N ASN C 98 -30.48 -17.42 -17.75
CA ASN C 98 -30.05 -16.06 -17.43
C ASN C 98 -30.23 -15.75 -15.93
N ASN C 99 -30.13 -16.77 -15.11
CA ASN C 99 -30.33 -16.62 -13.68
C ASN C 99 -29.03 -16.69 -12.90
N TRP C 100 -28.79 -15.66 -12.08
CA TRP C 100 -27.59 -15.59 -11.26
C TRP C 100 -27.44 -16.80 -10.36
N ALA C 101 -28.56 -17.22 -9.74
CA ALA C 101 -28.56 -18.35 -8.83
C ALA C 101 -28.40 -19.67 -9.56
N LYS C 102 -28.87 -19.73 -10.79
CA LYS C 102 -28.79 -20.93 -11.58
C LYS C 102 -27.38 -21.15 -12.08
N GLY C 103 -26.58 -20.10 -12.12
CA GLY C 103 -25.23 -20.22 -12.61
C GLY C 103 -24.24 -20.07 -11.48
N HIS C 104 -24.75 -20.03 -10.26
CA HIS C 104 -23.90 -19.88 -9.09
C HIS C 104 -24.14 -21.02 -8.09
N TYR C 105 -25.36 -21.55 -8.07
CA TYR C 105 -25.71 -22.61 -7.13
C TYR C 105 -26.04 -23.96 -7.77
N THR C 106 -26.73 -23.96 -8.91
CA THR C 106 -27.13 -25.24 -9.52
C THR C 106 -26.28 -25.68 -10.70
N GLU C 107 -26.20 -24.86 -11.74
CA GLU C 107 -25.44 -25.21 -12.93
C GLU C 107 -23.99 -24.77 -12.79
N GLY C 108 -23.78 -23.56 -12.32
CA GLY C 108 -22.43 -23.05 -12.16
C GLY C 108 -21.60 -23.84 -11.15
N ALA C 109 -22.22 -24.22 -10.04
CA ALA C 109 -21.53 -24.94 -8.96
C ALA C 109 -20.81 -26.22 -9.39
N GLU C 110 -21.28 -26.88 -10.45
CA GLU C 110 -20.65 -28.12 -10.89
C GLU C 110 -19.37 -27.87 -11.67
N LEU C 111 -19.44 -26.99 -12.66
CA LEU C 111 -18.28 -26.66 -13.47
C LEU C 111 -17.20 -25.94 -12.66
N VAL C 112 -17.58 -25.42 -11.50
CA VAL C 112 -16.63 -24.70 -10.64
C VAL C 112 -15.44 -25.57 -10.27
N ASP C 113 -15.71 -26.78 -9.79
CA ASP C 113 -14.66 -27.72 -9.43
C ASP C 113 -13.70 -27.95 -10.60
N SER C 114 -14.27 -28.01 -11.80
CA SER C 114 -13.50 -28.20 -13.03
C SER C 114 -12.77 -26.92 -13.45
N VAL C 115 -12.99 -25.86 -12.70
CA VAL C 115 -12.37 -24.56 -12.95
C VAL C 115 -11.15 -24.45 -12.05
N LEU C 116 -11.37 -24.60 -10.75
CA LEU C 116 -10.31 -24.54 -9.75
C LEU C 116 -9.08 -25.33 -10.20
N ASP C 117 -9.32 -26.49 -10.82
CA ASP C 117 -8.24 -27.32 -11.33
C ASP C 117 -7.34 -26.54 -12.28
N VAL C 118 -7.95 -25.93 -13.29
CA VAL C 118 -7.22 -25.16 -14.30
C VAL C 118 -6.62 -23.89 -13.69
N VAL C 119 -7.42 -23.15 -12.91
CA VAL C 119 -6.94 -21.92 -12.28
C VAL C 119 -5.72 -22.15 -11.39
N ARG C 120 -5.49 -23.39 -11.00
CA ARG C 120 -4.34 -23.74 -10.18
C ARG C 120 -3.18 -24.15 -11.07
N LYS C 121 -3.51 -24.82 -12.17
CA LYS C 121 -2.51 -25.25 -13.15
C LYS C 121 -1.86 -24.05 -13.83
N GLU C 122 -2.65 -23.02 -14.10
CA GLU C 122 -2.18 -21.82 -14.76
C GLU C 122 -1.46 -20.87 -13.81
N SER C 123 -1.90 -20.83 -12.55
CA SER C 123 -1.28 -19.95 -11.56
C SER C 123 0.16 -20.39 -11.29
N GLU C 124 0.34 -21.70 -11.22
CA GLU C 124 1.65 -22.29 -10.97
C GLU C 124 2.53 -22.32 -12.22
N SER C 125 2.24 -21.43 -13.17
CA SER C 125 2.99 -21.33 -14.42
C SER C 125 4.49 -21.12 -14.19
N CYS C 126 4.90 -19.87 -14.02
CA CYS C 126 6.31 -19.53 -13.80
C CYS C 126 6.43 -18.19 -13.08
N ASP C 127 7.67 -17.72 -12.93
CA ASP C 127 7.99 -16.45 -12.26
C ASP C 127 7.17 -16.26 -10.98
N CYS C 128 6.69 -15.05 -10.75
CA CYS C 128 5.89 -14.74 -9.58
C CYS C 128 4.54 -14.22 -10.05
N LEU C 129 3.47 -14.78 -9.52
CA LEU C 129 2.13 -14.36 -9.92
C LEU C 129 1.75 -13.05 -9.22
N GLN C 130 1.14 -12.14 -9.95
CA GLN C 130 0.72 -10.87 -9.39
C GLN C 130 -0.77 -10.84 -9.10
N GLY C 131 -1.57 -11.17 -10.09
CA GLY C 131 -3.01 -11.15 -9.90
C GLY C 131 -3.76 -11.77 -11.06
N PHE C 132 -5.07 -11.69 -11.02
CA PHE C 132 -5.92 -12.29 -12.03
C PHE C 132 -6.89 -11.27 -12.63
N GLN C 133 -7.06 -11.33 -13.94
CA GLN C 133 -7.98 -10.46 -14.64
C GLN C 133 -9.32 -11.15 -14.80
N LEU C 134 -10.40 -10.47 -14.52
CA LEU C 134 -11.73 -11.06 -14.67
C LEU C 134 -12.67 -10.15 -15.44
N THR C 135 -13.19 -10.66 -16.53
CA THR C 135 -14.12 -9.93 -17.37
C THR C 135 -15.46 -10.64 -17.34
N HIS C 136 -16.56 -9.87 -17.41
CA HIS C 136 -17.91 -10.46 -17.37
C HIS C 136 -18.99 -9.38 -17.44
N SER C 137 -20.23 -9.83 -17.49
CA SER C 137 -21.37 -8.95 -17.58
C SER C 137 -22.29 -9.12 -16.37
N LEU C 138 -22.77 -8.00 -15.85
CA LEU C 138 -23.67 -8.03 -14.70
C LEU C 138 -25.13 -8.13 -15.17
N GLY C 139 -25.33 -8.67 -16.36
CA GLY C 139 -26.66 -8.81 -16.90
C GLY C 139 -26.91 -10.18 -17.52
N GLY C 140 -26.56 -11.23 -16.78
CA GLY C 140 -26.76 -12.57 -17.29
C GLY C 140 -26.43 -13.62 -16.25
N GLY C 141 -26.56 -14.89 -16.63
CA GLY C 141 -26.26 -15.97 -15.71
C GLY C 141 -24.78 -16.21 -15.55
N THR C 142 -24.19 -16.87 -16.54
CA THR C 142 -22.77 -17.21 -16.54
C THR C 142 -21.84 -16.01 -16.33
N GLY C 143 -22.37 -14.81 -16.45
CA GLY C 143 -21.56 -13.63 -16.26
C GLY C 143 -21.56 -13.20 -14.81
N SER C 144 -22.68 -12.71 -14.34
CA SER C 144 -22.81 -12.26 -12.97
C SER C 144 -22.73 -13.44 -11.99
N GLY C 145 -23.43 -14.52 -12.30
CA GLY C 145 -23.45 -15.68 -11.43
C GLY C 145 -22.15 -16.46 -11.39
N MET C 146 -21.81 -17.13 -12.48
CA MET C 146 -20.59 -17.94 -12.56
C MET C 146 -19.35 -17.10 -12.25
N GLY C 147 -19.42 -15.82 -12.57
CA GLY C 147 -18.30 -14.94 -12.31
C GLY C 147 -18.19 -14.58 -10.84
N THR C 148 -19.32 -14.59 -10.14
CA THR C 148 -19.35 -14.26 -8.72
C THR C 148 -18.81 -15.41 -7.86
N LEU C 149 -18.76 -16.61 -8.43
CA LEU C 149 -18.25 -17.74 -7.69
C LEU C 149 -16.74 -17.83 -7.90
N LEU C 150 -16.32 -17.70 -9.15
CA LEU C 150 -14.92 -17.74 -9.53
C LEU C 150 -14.04 -16.83 -8.66
N ILE C 151 -14.56 -15.65 -8.31
CA ILE C 151 -13.79 -14.71 -7.50
C ILE C 151 -13.72 -15.15 -6.05
N SER C 152 -14.87 -15.55 -5.50
CA SER C 152 -14.93 -16.01 -4.11
C SER C 152 -13.99 -17.19 -3.86
N LYS C 153 -13.71 -17.97 -4.89
CA LYS C 153 -12.80 -19.10 -4.75
C LYS C 153 -11.37 -18.65 -4.99
N ILE C 154 -11.17 -17.88 -6.06
CA ILE C 154 -9.85 -17.36 -6.40
C ILE C 154 -9.25 -16.57 -5.24
N ARG C 155 -10.01 -15.61 -4.72
CA ARG C 155 -9.56 -14.76 -3.62
C ARG C 155 -9.48 -15.51 -2.29
N GLU C 156 -9.68 -16.82 -2.31
CA GLU C 156 -9.58 -17.63 -1.11
C GLU C 156 -8.43 -18.60 -1.27
N GLU C 157 -8.07 -18.84 -2.52
CA GLU C 157 -6.97 -19.72 -2.85
C GLU C 157 -5.66 -18.93 -2.93
N TYR C 158 -5.78 -17.64 -3.20
CA TYR C 158 -4.62 -16.77 -3.29
C TYR C 158 -4.94 -15.36 -2.79
N PRO C 159 -5.22 -15.20 -1.47
CA PRO C 159 -5.53 -13.89 -0.87
C PRO C 159 -4.35 -12.92 -0.87
N ASP C 160 -3.32 -13.26 -1.62
CA ASP C 160 -2.11 -12.45 -1.72
C ASP C 160 -2.16 -11.64 -3.02
N ARG C 161 -2.36 -12.34 -4.12
CA ARG C 161 -2.43 -11.73 -5.43
C ARG C 161 -3.65 -10.81 -5.55
N ILE C 162 -3.53 -9.79 -6.38
CA ILE C 162 -4.61 -8.84 -6.61
C ILE C 162 -5.67 -9.42 -7.55
N MET C 163 -6.77 -8.71 -7.76
CA MET C 163 -7.86 -9.20 -8.60
C MET C 163 -8.53 -8.07 -9.39
N ASN C 164 -8.15 -7.89 -10.64
CA ASN C 164 -8.76 -6.84 -11.47
C ASN C 164 -10.03 -7.38 -12.13
N THR C 165 -11.11 -6.59 -12.09
CA THR C 165 -12.36 -7.01 -12.68
C THR C 165 -12.98 -5.96 -13.61
N PHE C 166 -13.30 -6.38 -14.83
CA PHE C 166 -13.94 -5.53 -15.81
C PHE C 166 -15.39 -5.98 -15.99
N SER C 167 -16.31 -5.27 -15.38
CA SER C 167 -17.72 -5.62 -15.44
C SER C 167 -18.50 -4.67 -16.34
N VAL C 168 -19.41 -5.24 -17.11
CA VAL C 168 -20.26 -4.46 -18.01
C VAL C 168 -21.62 -4.20 -17.36
N VAL C 169 -21.60 -3.33 -16.35
CA VAL C 169 -22.80 -2.95 -15.59
C VAL C 169 -24.03 -2.65 -16.46
N PRO C 170 -25.21 -3.10 -15.99
CA PRO C 170 -26.49 -2.87 -16.69
C PRO C 170 -26.74 -1.40 -16.99
N SER C 171 -26.75 -1.07 -18.27
CA SER C 171 -27.01 0.29 -18.69
C SER C 171 -28.40 0.73 -18.22
N PRO C 172 -28.54 2.00 -17.84
CA PRO C 172 -29.82 2.55 -17.38
C PRO C 172 -30.86 2.58 -18.49
N LYS C 173 -30.99 3.75 -19.18
CA LYS C 173 -31.92 3.98 -20.31
C LYS C 173 -32.56 2.72 -20.88
N VAL C 174 -31.75 1.81 -21.38
CA VAL C 174 -32.23 0.55 -21.93
C VAL C 174 -31.42 -0.61 -21.35
N SER C 175 -32.14 -1.58 -20.80
CA SER C 175 -31.53 -2.76 -20.22
C SER C 175 -31.62 -3.90 -21.23
N ASP C 176 -30.48 -4.50 -21.56
CA ASP C 176 -30.44 -5.58 -22.54
C ASP C 176 -30.96 -6.91 -22.01
N THR C 177 -31.61 -6.88 -20.87
CA THR C 177 -32.17 -8.07 -20.25
C THR C 177 -33.35 -7.67 -19.38
N VAL C 178 -34.06 -8.64 -18.81
CA VAL C 178 -35.22 -8.34 -17.99
C VAL C 178 -34.91 -8.49 -16.51
N VAL C 179 -34.17 -9.53 -16.16
CA VAL C 179 -33.80 -9.77 -14.77
C VAL C 179 -32.60 -8.92 -14.39
N GLU C 180 -31.90 -8.43 -15.41
CA GLU C 180 -30.70 -7.57 -15.30
C GLU C 180 -30.34 -7.00 -13.90
N PRO C 181 -31.19 -6.10 -13.32
CA PRO C 181 -30.89 -5.48 -12.01
C PRO C 181 -30.72 -6.50 -10.88
N TYR C 182 -31.33 -7.68 -11.05
CA TYR C 182 -31.22 -8.76 -10.07
C TYR C 182 -29.82 -9.34 -10.14
N ASN C 183 -29.47 -9.81 -11.35
CA ASN C 183 -28.16 -10.40 -11.59
C ASN C 183 -27.04 -9.43 -11.24
N ALA C 184 -27.33 -8.14 -11.34
CA ALA C 184 -26.35 -7.11 -11.03
C ALA C 184 -26.15 -7.02 -9.52
N THR C 185 -27.19 -6.58 -8.82
CA THR C 185 -27.17 -6.46 -7.36
C THR C 185 -26.55 -7.69 -6.68
N LEU C 186 -26.88 -8.87 -7.19
CA LEU C 186 -26.37 -10.12 -6.63
C LEU C 186 -24.88 -10.36 -6.90
N SER C 187 -24.38 -9.88 -8.04
CA SER C 187 -22.98 -10.09 -8.38
C SER C 187 -22.09 -9.01 -7.76
N VAL C 188 -22.58 -7.78 -7.75
CA VAL C 188 -21.84 -6.66 -7.17
C VAL C 188 -21.50 -6.95 -5.71
N HIS C 189 -22.43 -7.61 -5.02
CA HIS C 189 -22.25 -7.97 -3.62
C HIS C 189 -20.93 -8.69 -3.39
N GLN C 190 -20.76 -9.83 -4.04
CA GLN C 190 -19.53 -10.61 -3.93
C GLN C 190 -18.29 -9.88 -4.45
N LEU C 191 -18.48 -9.03 -5.46
CA LEU C 191 -17.37 -8.30 -6.06
C LEU C 191 -16.77 -7.35 -5.03
N VAL C 192 -17.62 -6.51 -4.45
CA VAL C 192 -17.21 -5.55 -3.42
C VAL C 192 -16.61 -6.21 -2.17
N GLU C 193 -16.52 -7.54 -2.17
CA GLU C 193 -15.96 -8.26 -1.04
C GLU C 193 -14.99 -9.33 -1.49
N ASN C 194 -14.41 -9.14 -2.68
CA ASN C 194 -13.45 -10.06 -3.24
C ASN C 194 -12.44 -9.32 -4.10
N THR C 195 -12.88 -8.87 -5.27
CA THR C 195 -12.04 -8.13 -6.20
C THR C 195 -11.53 -6.85 -5.50
N ASP C 196 -10.34 -6.38 -5.90
CA ASP C 196 -9.77 -5.18 -5.27
C ASP C 196 -9.54 -4.06 -6.27
N GLU C 197 -10.09 -4.22 -7.47
CA GLU C 197 -9.99 -3.22 -8.53
C GLU C 197 -11.06 -3.53 -9.56
N THR C 198 -12.09 -2.70 -9.63
CA THR C 198 -13.19 -2.94 -10.56
C THR C 198 -13.40 -1.78 -11.52
N TYR C 199 -13.47 -2.12 -12.80
CA TYR C 199 -13.67 -1.15 -13.85
C TYR C 199 -15.05 -1.35 -14.47
N CYS C 200 -15.99 -0.51 -14.07
CA CYS C 200 -17.36 -0.60 -14.56
C CYS C 200 -17.49 0.03 -15.95
N ILE C 201 -17.99 -0.76 -16.89
CA ILE C 201 -18.18 -0.31 -18.25
C ILE C 201 -19.68 -0.20 -18.48
N ASP C 202 -20.10 0.79 -19.26
CA ASP C 202 -21.51 1.00 -19.51
C ASP C 202 -21.83 0.87 -20.98
N ASN C 203 -22.56 -0.20 -21.32
CA ASN C 203 -22.96 -0.48 -22.71
C ASN C 203 -23.57 0.74 -23.41
N GLU C 204 -24.21 1.63 -22.65
CA GLU C 204 -24.84 2.81 -23.23
C GLU C 204 -23.90 4.00 -23.25
N ALA C 205 -22.88 3.97 -22.40
CA ALA C 205 -21.90 5.05 -22.36
C ALA C 205 -20.93 4.86 -23.50
N LEU C 206 -20.79 3.61 -23.93
CA LEU C 206 -19.92 3.27 -25.04
C LEU C 206 -20.55 3.82 -26.30
N TYR C 207 -21.82 3.45 -26.53
CA TYR C 207 -22.59 3.96 -27.66
C TYR C 207 -22.38 5.47 -27.80
N ASP C 208 -22.84 6.20 -26.78
CA ASP C 208 -22.70 7.66 -26.71
C ASP C 208 -21.32 8.13 -27.15
N ILE C 209 -20.30 7.81 -26.34
CA ILE C 209 -18.91 8.19 -26.62
C ILE C 209 -18.40 7.70 -27.98
N CYS C 210 -19.11 6.78 -28.59
CA CYS C 210 -18.72 6.23 -29.88
C CYS C 210 -19.55 6.84 -30.99
N PHE C 211 -20.55 7.61 -30.61
CA PHE C 211 -21.42 8.28 -31.56
C PHE C 211 -21.12 9.78 -31.62
N ARG C 212 -20.36 10.27 -30.64
CA ARG C 212 -20.03 11.70 -30.61
C ARG C 212 -18.53 11.96 -30.70
N THR C 213 -17.72 11.00 -30.27
CA THR C 213 -16.28 11.15 -30.33
C THR C 213 -15.72 10.32 -31.47
N LEU C 214 -16.62 9.64 -32.16
CA LEU C 214 -16.28 8.78 -33.27
C LEU C 214 -17.40 8.82 -34.31
N LYS C 215 -17.12 9.42 -35.47
CA LYS C 215 -18.11 9.52 -36.56
C LYS C 215 -18.76 8.18 -36.96
N LEU C 216 -18.39 7.09 -36.28
CA LEU C 216 -18.96 5.77 -36.53
C LEU C 216 -20.48 5.82 -36.53
N THR C 217 -21.11 5.52 -37.66
CA THR C 217 -22.56 5.54 -37.76
C THR C 217 -23.17 4.19 -37.34
N THR C 218 -22.42 3.12 -37.50
CA THR C 218 -22.88 1.78 -37.15
C THR C 218 -21.99 1.13 -36.09
N PRO C 219 -22.12 1.54 -34.81
CA PRO C 219 -21.31 1.00 -33.72
C PRO C 219 -21.69 -0.43 -33.33
N THR C 220 -21.10 -1.39 -34.04
CA THR C 220 -21.35 -2.80 -33.76
C THR C 220 -20.76 -3.17 -32.40
N TYR C 221 -21.13 -4.34 -31.87
CA TYR C 221 -20.61 -4.77 -30.58
C TYR C 221 -19.09 -4.88 -30.65
N GLY C 222 -18.60 -5.62 -31.66
CA GLY C 222 -17.17 -5.77 -31.88
C GLY C 222 -16.42 -4.46 -31.70
N ASP C 223 -16.98 -3.39 -32.27
CA ASP C 223 -16.40 -2.06 -32.17
C ASP C 223 -16.34 -1.65 -30.71
N LEU C 224 -17.52 -1.47 -30.10
CA LEU C 224 -17.64 -1.13 -28.68
C LEU C 224 -16.61 -1.88 -27.86
N ASN C 225 -16.66 -3.20 -27.95
CA ASN C 225 -15.72 -4.10 -27.26
C ASN C 225 -14.27 -3.67 -27.48
N HIS C 226 -13.91 -3.41 -28.76
CA HIS C 226 -12.57 -3.07 -29.18
C HIS C 226 -12.13 -1.87 -28.37
N LEU C 227 -13.00 -0.86 -28.18
CA LEU C 227 -12.68 0.35 -27.43
C LEU C 227 -12.27 -0.04 -26.01
N VAL C 228 -13.05 -0.93 -25.41
CA VAL C 228 -12.76 -1.44 -24.09
C VAL C 228 -11.38 -2.11 -24.09
N SER C 229 -11.21 -3.06 -25.00
CA SER C 229 -9.95 -3.80 -25.13
C SER C 229 -8.75 -2.87 -25.30
N ALA C 230 -8.98 -1.70 -25.90
CA ALA C 230 -7.92 -0.72 -26.10
C ALA C 230 -7.56 -0.04 -24.79
N THR C 231 -8.55 0.16 -23.95
CA THR C 231 -8.36 0.82 -22.67
C THR C 231 -7.78 -0.15 -21.64
N MET C 232 -8.31 -1.37 -21.61
CA MET C 232 -7.85 -2.38 -20.65
C MET C 232 -6.42 -2.85 -20.90
N SER C 233 -5.89 -2.56 -22.08
CA SER C 233 -4.51 -2.94 -22.39
C SER C 233 -3.59 -1.85 -21.85
N GLY C 234 -4.11 -0.62 -21.86
CA GLY C 234 -3.38 0.52 -21.35
C GLY C 234 -3.17 0.39 -19.85
N VAL C 235 -4.17 -0.19 -19.19
CA VAL C 235 -4.10 -0.44 -17.74
C VAL C 235 -2.94 -1.41 -17.45
N THR C 236 -3.22 -2.69 -17.58
CA THR C 236 -2.23 -3.74 -17.37
C THR C 236 -1.06 -3.67 -18.33
N THR C 237 -1.07 -4.57 -19.34
CA THR C 237 -0.06 -4.71 -20.39
C THR C 237 0.93 -3.53 -20.52
N CYS C 238 0.39 -2.33 -20.74
CA CYS C 238 1.20 -1.11 -20.86
C CYS C 238 2.27 -1.03 -19.76
N LEU C 239 1.80 -0.99 -18.52
CA LEU C 239 2.68 -0.91 -17.34
C LEU C 239 3.73 -2.03 -17.28
N ARG C 240 3.60 -3.05 -18.13
CA ARG C 240 4.56 -4.15 -18.15
C ARG C 240 5.69 -3.87 -19.14
N PHE C 241 5.91 -2.60 -19.42
CA PHE C 241 6.97 -2.19 -20.32
C PHE C 241 7.85 -1.16 -19.60
N PRO C 242 9.05 -0.86 -20.12
CA PRO C 242 9.92 0.14 -19.51
C PRO C 242 9.33 1.53 -19.66
N GLY C 243 9.94 2.51 -19.03
CA GLY C 243 9.43 3.86 -19.08
C GLY C 243 10.13 4.76 -18.10
N GLN C 244 10.08 6.07 -18.35
CA GLN C 244 10.70 7.05 -17.47
C GLN C 244 10.14 6.87 -16.06
N LEU C 245 8.83 6.68 -15.99
CA LEU C 245 8.14 6.46 -14.73
C LEU C 245 7.15 5.32 -14.92
N ASN C 246 7.57 4.11 -14.62
CA ASN C 246 6.74 2.95 -14.81
C ASN C 246 5.97 2.59 -13.56
N ALA C 247 4.82 1.96 -13.74
CA ALA C 247 3.98 1.54 -12.64
C ALA C 247 3.54 0.10 -12.84
N ASP C 248 2.69 -0.39 -11.96
CA ASP C 248 2.19 -1.75 -12.05
C ASP C 248 1.04 -1.92 -11.07
N LEU C 249 0.05 -2.72 -11.48
CA LEU C 249 -1.11 -3.11 -10.64
C LEU C 249 -1.01 -2.74 -9.16
N ARG C 250 0.04 -3.23 -8.49
CA ARG C 250 0.23 -2.96 -7.07
C ARG C 250 0.28 -1.46 -6.82
N LYS C 251 1.32 -0.82 -7.34
CA LYS C 251 1.46 0.63 -7.22
C LYS C 251 0.13 1.34 -7.54
N LEU C 252 -0.42 0.99 -8.70
CA LEU C 252 -1.68 1.56 -9.18
C LEU C 252 -2.83 1.45 -8.16
N ALA C 253 -2.99 0.27 -7.57
CA ALA C 253 -4.06 0.02 -6.60
C ALA C 253 -3.80 0.67 -5.26
N VAL C 254 -2.61 0.47 -4.73
CA VAL C 254 -2.22 1.02 -3.42
C VAL C 254 -2.09 2.55 -3.48
N ASN C 255 -2.48 3.12 -4.60
CA ASN C 255 -2.44 4.56 -4.78
C ASN C 255 -3.82 5.08 -5.16
N MET C 256 -4.74 4.19 -5.54
CA MET C 256 -6.08 4.62 -5.94
C MET C 256 -7.22 4.20 -5.02
N VAL C 257 -7.00 3.22 -4.17
CA VAL C 257 -8.10 2.77 -3.28
C VAL C 257 -7.89 3.14 -1.81
N PRO C 258 -8.55 4.22 -1.37
CA PRO C 258 -8.47 4.72 0.00
C PRO C 258 -9.20 3.85 1.02
N PHE C 259 -10.31 3.22 0.63
CA PHE C 259 -11.08 2.42 1.57
C PHE C 259 -11.36 1.00 1.09
N PRO C 260 -10.89 0.03 1.89
CA PRO C 260 -11.00 -1.44 1.70
C PRO C 260 -12.20 -2.00 0.93
N ARG C 261 -13.30 -1.24 0.84
CA ARG C 261 -14.49 -1.69 0.14
C ARG C 261 -14.18 -2.31 -1.22
N LEU C 262 -13.29 -1.64 -1.97
CA LEU C 262 -12.83 -2.05 -3.33
C LEU C 262 -12.87 -0.86 -4.25
N HIS C 263 -13.91 -0.04 -4.12
CA HIS C 263 -14.10 1.16 -4.95
C HIS C 263 -14.21 0.82 -6.43
N PHE C 264 -14.99 1.60 -7.15
CA PHE C 264 -15.17 1.39 -8.57
C PHE C 264 -14.49 2.51 -9.33
N PHE C 265 -13.89 2.17 -10.47
CA PHE C 265 -13.18 3.17 -11.26
C PHE C 265 -13.96 3.52 -12.52
N MET C 266 -13.33 4.25 -13.41
CA MET C 266 -13.95 4.66 -14.66
C MET C 266 -12.87 4.74 -15.73
N PRO C 267 -12.86 3.81 -16.68
CA PRO C 267 -11.86 3.79 -17.75
C PRO C 267 -12.11 4.89 -18.77
N GLY C 268 -11.04 5.47 -19.28
CA GLY C 268 -11.14 6.52 -20.27
C GLY C 268 -9.94 6.53 -21.19
N PHE C 269 -10.17 6.65 -22.48
CA PHE C 269 -9.08 6.70 -23.43
C PHE C 269 -8.70 8.15 -23.65
N ALA C 270 -7.48 8.39 -24.10
CA ALA C 270 -7.01 9.74 -24.35
C ALA C 270 -7.29 10.18 -25.80
N PRO C 271 -6.41 9.85 -26.78
CA PRO C 271 -6.63 10.25 -28.18
C PRO C 271 -7.86 9.55 -28.74
N LEU C 272 -8.97 10.26 -28.74
CA LEU C 272 -10.19 9.70 -29.26
C LEU C 272 -10.70 10.59 -30.37
N THR C 273 -9.99 10.57 -31.48
CA THR C 273 -10.34 11.36 -32.63
C THR C 273 -10.76 10.46 -33.78
N SER C 274 -11.76 10.88 -34.54
CA SER C 274 -12.22 10.11 -35.69
C SER C 274 -11.07 9.96 -36.70
N ARG C 275 -11.09 8.88 -37.46
CA ARG C 275 -10.06 8.61 -38.47
C ARG C 275 -9.78 9.82 -39.38
N GLY C 276 -10.37 9.79 -40.57
CA GLY C 276 -10.20 10.86 -41.56
C GLY C 276 -10.16 12.27 -41.04
N SER C 277 -11.31 12.96 -41.10
CA SER C 277 -11.45 14.35 -40.64
C SER C 277 -10.63 14.72 -39.40
N GLN C 278 -11.25 14.47 -38.25
CA GLN C 278 -10.71 14.73 -36.90
C GLN C 278 -9.19 14.68 -36.67
N GLN C 279 -8.44 13.86 -37.44
CA GLN C 279 -6.97 13.70 -37.32
C GLN C 279 -6.18 15.03 -37.20
N TYR C 280 -6.39 15.75 -36.11
CA TYR C 280 -5.72 17.02 -35.84
C TYR C 280 -4.32 16.79 -35.29
N ARG C 281 -4.11 15.59 -34.72
CA ARG C 281 -2.83 15.21 -34.15
C ARG C 281 -2.49 15.98 -32.88
N ALA C 282 -3.44 16.78 -32.41
CA ALA C 282 -3.29 17.57 -31.20
C ALA C 282 -3.12 16.66 -29.98
N LEU C 283 -1.87 16.27 -29.73
CA LEU C 283 -1.54 15.38 -28.63
C LEU C 283 -0.32 15.84 -27.86
N THR C 284 -0.07 17.14 -27.86
CA THR C 284 1.07 17.70 -27.13
C THR C 284 1.05 17.25 -25.67
N VAL C 285 -0.14 17.33 -25.05
CA VAL C 285 -0.38 16.92 -23.66
C VAL C 285 -1.65 17.58 -23.08
N PRO C 286 -1.77 18.93 -23.15
CA PRO C 286 -2.96 19.64 -22.61
C PRO C 286 -4.25 19.21 -23.28
N GLU C 287 -4.15 18.66 -24.48
CA GLU C 287 -5.30 18.20 -25.23
C GLU C 287 -5.78 16.86 -24.67
N LEU C 288 -4.85 16.10 -24.12
CA LEU C 288 -5.16 14.80 -23.55
C LEU C 288 -5.88 14.97 -22.22
N THR C 289 -5.42 15.94 -21.43
CA THR C 289 -6.04 16.21 -20.14
C THR C 289 -7.43 16.78 -20.34
N GLN C 290 -7.59 17.59 -21.39
CA GLN C 290 -8.87 18.18 -21.73
C GLN C 290 -9.89 17.06 -21.94
N GLN C 291 -9.53 16.14 -22.84
CA GLN C 291 -10.34 14.98 -23.14
C GLN C 291 -10.66 14.21 -21.85
N MET C 292 -9.79 13.27 -21.52
CA MET C 292 -9.87 12.44 -20.31
C MET C 292 -10.67 13.02 -19.12
N PHE C 293 -10.37 14.26 -18.72
CA PHE C 293 -11.02 14.86 -17.56
C PHE C 293 -12.38 15.50 -17.88
N ASP C 294 -12.86 15.32 -19.10
CA ASP C 294 -14.16 15.87 -19.49
C ASP C 294 -15.27 14.92 -19.06
N ALA C 295 -16.52 15.38 -19.13
CA ALA C 295 -17.67 14.55 -18.79
C ALA C 295 -17.70 13.42 -19.81
N LYS C 296 -18.23 13.72 -20.98
CA LYS C 296 -18.22 12.78 -22.09
C LYS C 296 -16.78 12.25 -22.22
N ASN C 297 -16.65 10.95 -22.57
CA ASN C 297 -15.36 10.26 -22.71
C ASN C 297 -15.09 9.34 -21.50
N MET C 298 -16.00 9.37 -20.54
CA MET C 298 -15.90 8.55 -19.34
C MET C 298 -16.83 7.37 -19.49
N MET C 299 -16.25 6.18 -19.64
CA MET C 299 -16.99 4.93 -19.84
C MET C 299 -18.20 4.71 -18.92
N ALA C 300 -18.25 5.40 -17.78
CA ALA C 300 -19.40 5.27 -16.87
C ALA C 300 -20.60 6.02 -17.43
N ALA C 301 -21.77 5.81 -16.83
CA ALA C 301 -22.97 6.50 -17.27
C ALA C 301 -23.05 7.83 -16.55
N CYS C 302 -22.83 7.78 -15.24
CA CYS C 302 -22.81 8.97 -14.42
C CYS C 302 -21.67 9.87 -14.85
N ASP C 303 -21.76 11.14 -14.51
CA ASP C 303 -20.73 12.09 -14.87
C ASP C 303 -19.95 12.52 -13.65
N PRO C 304 -18.61 12.38 -13.71
CA PRO C 304 -17.70 12.75 -12.62
C PRO C 304 -18.07 14.08 -11.96
N ARG C 305 -18.45 15.05 -12.78
CA ARG C 305 -18.84 16.38 -12.31
C ARG C 305 -19.98 16.34 -11.27
N HIS C 306 -20.62 15.17 -11.14
CA HIS C 306 -21.73 14.99 -10.20
C HIS C 306 -21.27 14.29 -8.93
N GLY C 307 -20.01 14.40 -8.62
CA GLY C 307 -19.47 13.78 -7.41
C GLY C 307 -17.97 13.91 -7.35
N ARG C 308 -17.46 14.23 -6.17
CA ARG C 308 -16.02 14.41 -5.95
C ARG C 308 -15.18 13.28 -6.53
N TYR C 309 -13.89 13.51 -6.54
CA TYR C 309 -12.94 12.52 -7.02
C TYR C 309 -12.18 12.08 -5.79
N LEU C 310 -11.66 10.87 -5.80
CA LEU C 310 -10.90 10.40 -4.66
C LEU C 310 -9.46 10.24 -5.08
N THR C 311 -9.28 9.60 -6.22
CA THR C 311 -7.96 9.38 -6.78
C THR C 311 -8.04 9.33 -8.30
N VAL C 312 -6.91 9.51 -8.94
CA VAL C 312 -6.80 9.49 -10.40
C VAL C 312 -5.49 8.83 -10.75
N ALA C 313 -5.44 8.13 -11.86
CA ALA C 313 -4.23 7.46 -12.29
C ALA C 313 -3.98 7.70 -13.76
N ALA C 314 -3.12 8.66 -14.04
CA ALA C 314 -2.78 9.01 -15.41
C ALA C 314 -1.69 8.10 -15.94
N VAL C 315 -2.09 7.07 -16.67
CA VAL C 315 -1.14 6.12 -17.23
C VAL C 315 -0.77 6.54 -18.65
N PHE C 316 0.17 7.46 -18.76
CA PHE C 316 0.59 7.94 -20.05
C PHE C 316 1.54 6.95 -20.70
N ARG C 317 1.57 6.95 -22.02
CA ARG C 317 2.44 6.05 -22.77
C ARG C 317 2.84 6.67 -24.11
N GLY C 318 3.86 7.50 -24.06
CA GLY C 318 4.37 8.17 -25.24
C GLY C 318 5.45 9.16 -24.84
N ARG C 319 6.56 9.15 -25.58
CA ARG C 319 7.70 10.04 -25.30
C ARG C 319 7.25 11.48 -25.03
N MET C 320 7.44 11.93 -23.80
CA MET C 320 7.07 13.29 -23.41
C MET C 320 7.92 13.77 -22.23
N SER C 321 7.89 15.09 -22.00
CA SER C 321 8.63 15.71 -20.91
C SER C 321 7.87 15.63 -19.58
N MET C 322 8.52 15.06 -18.56
CA MET C 322 7.93 14.93 -17.21
C MET C 322 7.49 16.26 -16.60
N LYS C 323 7.68 17.35 -17.34
CA LYS C 323 7.32 18.67 -16.89
C LYS C 323 5.92 19.06 -17.36
N GLU C 324 5.66 18.92 -18.66
CA GLU C 324 4.37 19.29 -19.23
C GLU C 324 3.25 18.37 -18.76
N VAL C 325 3.61 17.27 -18.10
CA VAL C 325 2.62 16.34 -17.61
C VAL C 325 2.29 16.62 -16.14
N ASP C 326 3.30 16.43 -15.28
CA ASP C 326 3.13 16.63 -13.84
C ASP C 326 2.58 18.02 -13.51
N GLU C 327 2.97 19.02 -14.29
CA GLU C 327 2.48 20.37 -14.10
C GLU C 327 1.01 20.44 -14.42
N GLN C 328 0.68 20.10 -15.67
CA GLN C 328 -0.70 20.09 -16.15
C GLN C 328 -1.63 19.45 -15.12
N MET C 329 -1.33 18.20 -14.74
CA MET C 329 -2.11 17.46 -13.73
C MET C 329 -2.44 18.32 -12.52
N LEU C 330 -1.46 19.10 -12.09
CA LEU C 330 -1.62 20.01 -10.95
C LEU C 330 -2.64 21.07 -11.29
N ASN C 331 -2.37 21.81 -12.37
CA ASN C 331 -3.26 22.87 -12.84
C ASN C 331 -4.72 22.39 -12.83
N VAL C 332 -4.95 21.22 -13.43
CA VAL C 332 -6.30 20.63 -13.47
C VAL C 332 -6.88 20.44 -12.06
N GLN C 333 -6.05 19.99 -11.13
CA GLN C 333 -6.48 19.76 -9.75
C GLN C 333 -6.79 21.08 -9.04
N ASN C 334 -6.38 22.19 -9.65
CA ASN C 334 -6.64 23.50 -9.07
C ASN C 334 -7.81 24.16 -9.78
N LYS C 335 -7.93 23.90 -11.07
CA LYS C 335 -9.02 24.46 -11.88
C LYS C 335 -10.34 23.83 -11.48
N ASN C 336 -10.29 22.60 -11.01
CA ASN C 336 -11.49 21.87 -10.63
C ASN C 336 -11.43 21.44 -9.17
N SER C 337 -10.76 22.25 -8.35
CA SER C 337 -10.63 21.98 -6.92
C SER C 337 -11.97 21.64 -6.26
N SER C 338 -13.05 22.25 -6.80
CA SER C 338 -14.40 22.00 -6.32
C SER C 338 -14.63 20.51 -6.12
N TYR C 339 -14.64 19.76 -7.21
CA TYR C 339 -14.80 18.32 -7.13
C TYR C 339 -13.48 17.63 -7.44
N PHE C 340 -12.77 17.27 -6.38
CA PHE C 340 -11.47 16.62 -6.50
C PHE C 340 -10.94 16.30 -5.10
N VAL C 341 -11.83 16.40 -4.12
CA VAL C 341 -11.50 16.18 -2.71
C VAL C 341 -10.39 17.11 -2.19
N GLU C 342 -10.53 17.52 -0.94
CA GLU C 342 -9.57 18.43 -0.34
C GLU C 342 -8.63 17.72 0.64
N TRP C 343 -9.16 16.74 1.39
CA TRP C 343 -8.37 15.98 2.36
C TRP C 343 -7.26 15.13 1.74
N ILE C 344 -6.97 15.35 0.46
CA ILE C 344 -5.93 14.63 -0.25
C ILE C 344 -5.13 15.61 -1.11
N PRO C 345 -3.93 16.00 -0.63
CA PRO C 345 -3.06 16.95 -1.32
C PRO C 345 -2.77 16.62 -2.79
N ASN C 346 -2.51 15.35 -3.08
CA ASN C 346 -2.21 14.93 -4.45
C ASN C 346 -3.03 13.72 -4.89
N ASN C 347 -4.27 13.97 -5.27
CA ASN C 347 -5.17 12.92 -5.74
C ASN C 347 -4.62 12.19 -6.96
N VAL C 348 -4.22 12.95 -7.97
CA VAL C 348 -3.69 12.38 -9.20
C VAL C 348 -2.37 11.65 -8.97
N LYS C 349 -2.25 10.47 -9.58
CA LYS C 349 -1.03 9.68 -9.50
C LYS C 349 -0.48 9.54 -10.91
N THR C 350 0.51 10.35 -11.24
CA THR C 350 1.10 10.34 -12.56
C THR C 350 1.99 9.13 -12.83
N ALA C 351 1.77 8.53 -14.00
CA ALA C 351 2.57 7.43 -14.49
C ALA C 351 2.96 7.75 -15.92
N VAL C 352 4.16 7.36 -16.33
CA VAL C 352 4.61 7.68 -17.68
C VAL C 352 5.45 6.56 -18.27
N CYS C 353 4.86 5.80 -19.17
CA CYS C 353 5.54 4.71 -19.84
C CYS C 353 6.37 5.31 -20.97
N ASP C 354 6.85 4.47 -21.86
CA ASP C 354 7.63 4.96 -22.99
C ASP C 354 7.00 4.54 -24.30
N ILE C 355 7.09 3.26 -24.61
CA ILE C 355 6.52 2.72 -25.82
C ILE C 355 5.00 2.99 -25.89
N PRO C 356 4.53 3.54 -27.02
CA PRO C 356 3.12 3.87 -27.24
C PRO C 356 2.42 2.75 -28.01
N PRO C 357 1.11 2.90 -28.26
CA PRO C 357 0.35 1.92 -29.04
C PRO C 357 0.83 1.91 -30.48
N ARG C 358 1.46 0.81 -30.88
CA ARG C 358 2.03 0.59 -32.21
C ARG C 358 2.01 1.76 -33.22
N GLY C 359 0.87 2.00 -33.87
CA GLY C 359 0.77 3.05 -34.88
C GLY C 359 0.45 4.44 -34.38
N LEU C 360 0.30 4.62 -33.08
CA LEU C 360 -0.02 5.92 -32.52
C LEU C 360 1.24 6.52 -31.91
N LYS C 361 1.25 7.84 -31.73
CA LYS C 361 2.41 8.52 -31.19
C LYS C 361 2.37 8.65 -29.65
N MET C 362 1.20 8.94 -29.11
CA MET C 362 1.09 9.13 -27.67
C MET C 362 -0.34 8.91 -27.16
N SER C 363 -0.48 8.12 -26.11
CA SER C 363 -1.77 7.84 -25.51
C SER C 363 -1.66 7.95 -23.99
N ALA C 364 -2.78 7.75 -23.30
CA ALA C 364 -2.82 7.85 -21.85
C ALA C 364 -4.09 7.24 -21.28
N THR C 365 -3.93 6.14 -20.56
CA THR C 365 -5.06 5.47 -19.94
C THR C 365 -5.56 6.30 -18.77
N PHE C 366 -6.87 6.39 -18.61
CA PHE C 366 -7.44 7.16 -17.52
C PHE C 366 -8.23 6.26 -16.59
N ILE C 367 -7.88 6.30 -15.32
CA ILE C 367 -8.57 5.52 -14.31
C ILE C 367 -8.98 6.45 -13.17
N GLY C 368 -10.21 6.91 -13.20
CA GLY C 368 -10.68 7.81 -12.16
C GLY C 368 -11.49 7.10 -11.09
N ASN C 369 -11.17 7.38 -9.84
CA ASN C 369 -11.88 6.79 -8.71
C ASN C 369 -12.73 7.85 -8.03
N SER C 370 -13.69 8.39 -8.77
CA SER C 370 -14.56 9.43 -8.25
C SER C 370 -15.77 8.83 -7.53
N THR C 371 -16.27 9.56 -6.53
CA THR C 371 -17.43 9.13 -5.77
C THR C 371 -18.71 9.30 -6.60
N ALA C 372 -18.52 9.86 -7.80
CA ALA C 372 -19.60 10.10 -8.74
C ALA C 372 -20.27 8.79 -9.14
N ILE C 373 -19.52 7.69 -9.04
CA ILE C 373 -20.02 6.37 -9.38
C ILE C 373 -21.21 5.94 -8.48
N GLN C 374 -21.61 6.84 -7.58
CA GLN C 374 -22.74 6.61 -6.70
C GLN C 374 -23.99 6.53 -7.56
N GLU C 375 -24.06 7.46 -8.53
CA GLU C 375 -25.17 7.55 -9.47
C GLU C 375 -25.24 6.33 -10.41
N LEU C 376 -24.87 5.17 -9.90
CA LEU C 376 -24.90 3.93 -10.65
C LEU C 376 -25.44 2.84 -9.74
N PHE C 377 -24.89 2.78 -8.53
CA PHE C 377 -25.35 1.79 -7.55
C PHE C 377 -26.74 2.19 -7.08
N LYS C 378 -27.00 3.49 -7.11
CA LYS C 378 -28.30 4.01 -6.75
C LYS C 378 -29.30 3.50 -7.78
N ARG C 379 -29.02 3.82 -9.05
CA ARG C 379 -29.83 3.38 -10.18
C ARG C 379 -30.22 1.93 -10.02
N ILE C 380 -29.22 1.06 -10.08
CA ILE C 380 -29.40 -0.38 -9.91
C ILE C 380 -30.34 -0.70 -8.74
N SER C 381 -29.97 -0.24 -7.54
CA SER C 381 -30.78 -0.47 -6.34
C SER C 381 -32.24 -0.08 -6.56
N GLU C 382 -32.46 1.04 -7.25
CA GLU C 382 -33.81 1.51 -7.54
C GLU C 382 -34.54 0.45 -8.36
N GLN C 383 -34.06 0.24 -9.59
CA GLN C 383 -34.61 -0.76 -10.49
C GLN C 383 -34.85 -2.10 -9.79
N PHE C 384 -33.88 -2.48 -8.96
CA PHE C 384 -33.96 -3.72 -8.19
C PHE C 384 -35.19 -3.71 -7.30
N THR C 385 -35.11 -2.95 -6.20
CA THR C 385 -36.20 -2.79 -5.24
C THR C 385 -37.56 -2.65 -5.94
N ALA C 386 -37.61 -1.80 -6.96
CA ALA C 386 -38.83 -1.52 -7.72
C ALA C 386 -39.54 -2.79 -8.23
N MET C 387 -38.78 -3.84 -8.50
CA MET C 387 -39.36 -5.10 -8.95
C MET C 387 -39.31 -6.15 -7.85
N PHE C 388 -38.35 -5.98 -6.95
CA PHE C 388 -38.17 -6.88 -5.82
C PHE C 388 -39.41 -6.86 -4.95
N ARG C 389 -39.84 -5.64 -4.57
CA ARG C 389 -41.05 -5.43 -3.77
C ARG C 389 -42.21 -6.35 -4.17
N ARG C 390 -42.40 -6.56 -5.49
CA ARG C 390 -43.48 -7.38 -5.99
C ARG C 390 -43.02 -8.79 -6.30
N LYS C 391 -41.78 -9.07 -5.95
CA LYS C 391 -41.16 -10.38 -6.16
C LYS C 391 -41.20 -10.81 -7.62
N ALA C 392 -41.26 -9.82 -8.52
CA ALA C 392 -41.31 -10.00 -9.99
C ALA C 392 -40.80 -11.37 -10.45
N PHE C 393 -39.59 -11.41 -10.97
CA PHE C 393 -38.99 -12.66 -11.39
C PHE C 393 -38.13 -13.22 -10.27
N LEU C 394 -38.69 -13.30 -9.07
CA LEU C 394 -37.96 -13.81 -7.91
C LEU C 394 -38.07 -15.33 -7.87
N HIS C 395 -39.23 -15.84 -8.28
CA HIS C 395 -39.47 -17.28 -8.30
C HIS C 395 -38.49 -18.01 -9.22
N TRP C 396 -37.94 -17.29 -10.19
CA TRP C 396 -36.99 -17.86 -11.14
C TRP C 396 -35.63 -18.07 -10.47
N TYR C 397 -35.44 -17.44 -9.32
CA TYR C 397 -34.21 -17.54 -8.57
C TYR C 397 -34.34 -18.63 -7.51
N THR C 398 -35.31 -18.44 -6.62
CA THR C 398 -35.58 -19.40 -5.55
C THR C 398 -35.65 -20.83 -6.10
N GLY C 399 -36.39 -21.01 -7.19
CA GLY C 399 -36.54 -22.31 -7.82
C GLY C 399 -35.24 -22.97 -8.25
N GLU C 400 -34.15 -22.23 -8.21
CA GLU C 400 -32.84 -22.76 -8.58
C GLU C 400 -32.02 -22.96 -7.32
N GLY C 401 -32.73 -23.01 -6.19
CA GLY C 401 -32.10 -23.18 -4.90
C GLY C 401 -31.42 -21.92 -4.42
N MET C 402 -32.22 -20.97 -3.95
CA MET C 402 -31.70 -19.72 -3.42
C MET C 402 -32.43 -19.35 -2.14
N ASP C 403 -32.18 -18.16 -1.63
CA ASP C 403 -32.82 -17.69 -0.40
C ASP C 403 -33.40 -16.30 -0.64
N GLU C 404 -34.56 -16.04 -0.06
CA GLU C 404 -35.22 -14.76 -0.23
C GLU C 404 -34.56 -13.67 0.60
N MET C 405 -33.74 -14.08 1.56
CA MET C 405 -33.03 -13.13 2.40
C MET C 405 -31.69 -12.80 1.77
N GLU C 406 -31.32 -13.61 0.78
CA GLU C 406 -30.08 -13.41 0.04
C GLU C 406 -30.18 -12.13 -0.77
N PHE C 407 -31.35 -11.93 -1.39
CA PHE C 407 -31.60 -10.72 -2.17
C PHE C 407 -31.47 -9.51 -1.26
N THR C 408 -32.03 -9.63 -0.05
CA THR C 408 -31.97 -8.57 0.94
C THR C 408 -30.50 -8.25 1.23
N GLU C 409 -29.73 -9.31 1.52
CA GLU C 409 -28.30 -9.21 1.77
C GLU C 409 -27.64 -8.31 0.73
N ALA C 410 -27.69 -8.76 -0.54
CA ALA C 410 -27.11 -8.02 -1.66
C ALA C 410 -27.51 -6.54 -1.63
N GLU C 411 -28.82 -6.27 -1.71
CA GLU C 411 -29.33 -4.90 -1.67
C GLU C 411 -28.70 -4.12 -0.52
N SER C 412 -28.87 -4.63 0.69
CA SER C 412 -28.32 -4.02 1.90
C SER C 412 -26.86 -3.63 1.69
N ASN C 413 -26.01 -4.63 1.47
CA ASN C 413 -24.59 -4.42 1.20
C ASN C 413 -24.36 -3.23 0.26
N MET C 414 -24.78 -3.41 -0.99
CA MET C 414 -24.61 -2.37 -2.00
C MET C 414 -25.18 -1.01 -1.56
N ASN C 415 -26.24 -1.05 -0.75
CA ASN C 415 -26.86 0.17 -0.24
C ASN C 415 -25.96 0.84 0.77
N ASP C 416 -25.34 0.05 1.63
CA ASP C 416 -24.41 0.57 2.63
C ASP C 416 -23.20 1.15 1.92
N LEU C 417 -22.79 0.47 0.85
CA LEU C 417 -21.68 0.93 0.02
C LEU C 417 -21.94 2.35 -0.46
N VAL C 418 -23.22 2.67 -0.66
CA VAL C 418 -23.63 4.00 -1.11
C VAL C 418 -23.35 5.00 0.01
N SER C 419 -23.76 4.63 1.22
CA SER C 419 -23.54 5.44 2.40
C SER C 419 -22.09 5.93 2.43
N GLU C 420 -21.15 4.99 2.59
CA GLU C 420 -19.72 5.31 2.62
C GLU C 420 -19.33 6.32 1.53
N TYR C 421 -19.64 5.99 0.27
CA TYR C 421 -19.32 6.87 -0.85
C TYR C 421 -19.78 8.31 -0.64
N GLN C 422 -20.87 8.49 0.09
CA GLN C 422 -21.38 9.82 0.34
C GLN C 422 -20.66 10.50 1.51
N GLN C 423 -20.18 9.69 2.44
CA GLN C 423 -19.46 10.20 3.60
C GLN C 423 -18.17 10.91 3.19
N TYR C 424 -17.72 10.64 1.97
CA TYR C 424 -16.51 11.25 1.45
C TYR C 424 -16.78 12.04 0.17
N GLN C 425 -18.07 12.26 -0.08
CA GLN C 425 -18.49 13.00 -1.26
C GLN C 425 -18.86 14.42 -0.84
N ASP C 426 -18.80 14.67 0.46
CA ASP C 426 -19.11 15.98 1.00
C ASP C 426 -17.90 16.57 1.71
PB ADP D . -1.06 -14.83 24.12
O1B ADP D . -1.43 -13.62 24.91
O2B ADP D . -2.33 -15.62 23.82
O3B ADP D . -0.42 -14.28 22.83
PA ADP D . -0.25 -16.86 26.10
O1A ADP D . -0.05 -18.16 25.44
O2A ADP D . -1.64 -16.84 26.66
O3A ADP D . -0.07 -15.70 25.01
O5' ADP D . 0.76 -16.69 27.28
C5' ADP D . 2.17 -16.78 27.06
C4' ADP D . 2.82 -17.40 28.27
O4' ADP D . 2.59 -16.57 29.44
C3' ADP D . 2.39 -18.81 28.65
O3' ADP D . 3.56 -19.58 28.92
C2' ADP D . 1.45 -18.59 29.85
O2' ADP D . 1.33 -19.73 30.70
C1' ADP D . 2.08 -17.34 30.50
N9 ADP D . 1.14 -16.48 31.22
C8 ADP D . 0.19 -15.69 30.66
N7 ADP D . -0.56 -15.05 31.54
C5 ADP D . -0.08 -15.47 32.76
C6 ADP D . -0.39 -15.10 34.09
N6 ADP D . -1.42 -14.31 34.41
N1 ADP D . 0.34 -15.66 35.08
C2 ADP D . 1.33 -16.51 34.76
N3 ADP D . 1.74 -16.89 33.55
C4 ADP D . 0.99 -16.36 32.58
MG MG E . -2.27 -17.47 22.88
AL ALF F . -0.40 -15.07 21.04
F1 ALF F . -2.13 -14.91 20.76
F2 ALF F . 1.39 -15.20 20.98
F3 ALF F . -0.24 -13.54 20.08
F4 ALF F . -0.56 -16.75 21.62
PG GTP G . 8.73 1.97 -5.76
O1G GTP G . 8.69 0.68 -4.94
O2G GTP G . 8.60 1.73 -7.26
O3G GTP G . 7.57 2.79 -5.22
O3B GTP G . 10.17 2.80 -5.64
PB GTP G . 10.55 4.21 -6.40
O1B GTP G . 11.01 5.15 -5.30
O2B GTP G . 11.46 3.95 -7.52
O3A GTP G . 9.22 4.78 -6.84
PA GTP G . 8.76 5.90 -7.78
O1A GTP G . 9.40 5.78 -9.11
O2A GTP G . 7.27 5.91 -7.77
O5' GTP G . 9.25 7.27 -7.01
C5' GTP G . 8.92 8.44 -7.74
C4' GTP G . 9.32 9.74 -7.10
O4' GTP G . 10.68 10.09 -7.48
C3' GTP G . 8.44 10.84 -7.65
O3' GTP G . 8.36 11.90 -6.72
C2' GTP G . 9.16 11.22 -8.93
O2' GTP G . 8.85 12.56 -9.27
C1' GTP G . 10.65 11.02 -8.59
N9 GTP G . 11.48 10.47 -9.67
C8 GTP G . 11.30 9.27 -10.33
N7 GTP G . 12.20 9.05 -11.25
C5 GTP G . 13.02 10.15 -11.20
C6 GTP G . 14.15 10.48 -11.96
O6 GTP G . 14.65 9.79 -12.84
N1 GTP G . 14.72 11.72 -11.61
C2 GTP G . 14.24 12.55 -10.62
N2 GTP G . 14.89 13.67 -10.44
N3 GTP G . 13.15 12.26 -9.90
C4 GTP G . 12.59 11.06 -10.22
MG MG H . 10.23 1.48 -9.07
PB GDP I . -24.42 -14.39 -19.87
O1B GDP I . -23.38 -14.52 -18.84
O2B GDP I . -24.00 -14.60 -21.19
O3B GDP I . -25.70 -15.30 -19.42
O3A GDP I . -24.88 -12.88 -19.83
PA GDP I . -24.89 -11.74 -21.04
O1A GDP I . -23.49 -11.42 -21.43
O2A GDP I . -25.77 -12.29 -22.15
O5' GDP I . -25.48 -10.51 -20.29
C5' GDP I . -26.15 -9.43 -21.00
C4' GDP I . -25.57 -8.10 -20.80
O4' GDP I . -24.20 -8.11 -21.37
C3' GDP I . -26.25 -6.95 -21.63
O3' GDP I . -26.24 -5.77 -20.74
C2' GDP I . -25.38 -6.65 -22.87
O2' GDP I . -25.33 -5.29 -23.37
C1' GDP I . -23.99 -7.08 -22.44
N9 GDP I . -23.19 -7.70 -23.49
C8 GDP I . -23.56 -9.06 -24.00
N7 GDP I . -22.49 -9.11 -24.91
C5 GDP I . -21.64 -8.09 -25.02
C6 GDP I . -20.51 -7.58 -25.67
O6 GDP I . -19.95 -8.39 -26.60
N1 GDP I . -19.94 -6.38 -25.42
C2 GDP I . -20.56 -5.51 -24.38
N2 GDP I . -19.87 -4.40 -24.32
N3 GDP I . -21.60 -5.91 -23.76
C4 GDP I . -22.11 -7.12 -24.03
O01 TA1 J . -8.80 1.70 -35.86
C01 TA1 J . -7.79 2.59 -35.33
C02 TA1 J . -8.59 3.89 -34.75
O02 TA1 J . -9.47 3.27 -33.73
C03 TA1 J . -10.85 3.18 -33.99
O03 TA1 J . -11.37 3.61 -34.99
C04 TA1 J . -11.59 2.55 -32.93
C05 TA1 J . -12.51 1.55 -33.43
C06 TA1 J . -13.32 0.85 -32.39
C07 TA1 J . -13.17 1.16 -31.00
C08 TA1 J . -12.34 2.05 -30.68
C09 TA1 J . -11.50 2.80 -31.54
C10 TA1 J . -7.74 5.07 -34.03
C11 TA1 J . -8.38 5.60 -32.65
O04 TA1 J . -8.44 4.54 -31.60
C12 TA1 J . -7.29 4.03 -31.02
O05 TA1 J . -6.17 4.36 -31.28
C13 TA1 J . -7.69 2.99 -30.00
C14 TA1 J . -9.85 6.13 -32.63
O06 TA1 J . -9.45 7.42 -32.11
C15 TA1 J . -8.06 7.01 -32.09
C16 TA1 J . -7.16 7.96 -32.94
C17 TA1 J . -6.41 7.26 -34.07
O07 TA1 J . -5.65 8.23 -34.82
C18 TA1 J . -7.38 6.38 -35.02
C19 TA1 J . -8.61 7.24 -35.42
C20 TA1 J . -6.64 6.09 -36.43
O08 TA1 J . -7.11 6.58 -37.45
C21 TA1 J . -5.38 5.22 -36.54
O09 TA1 J . -5.00 5.16 -37.98
C22 TA1 J . -3.83 5.77 -38.42
O10 TA1 J . -3.07 6.36 -37.73
C23 TA1 J . -3.67 5.58 -39.90
C24 TA1 J . -5.63 3.83 -35.96
C25 TA1 J . -4.93 3.42 -34.83
C26 TA1 J . -5.36 2.06 -34.21
O11 TA1 J . -4.87 1.83 -32.84
C27 TA1 J . -3.73 1.17 -32.70
O12 TA1 J . -3.04 0.72 -33.56
C28 TA1 J . -3.40 1.01 -31.19
O13 TA1 J . -2.21 0.25 -31.09
C29 TA1 J . -4.60 0.33 -30.49
N01 TA1 J . -4.91 -0.88 -31.25
C30 TA1 J . -6.14 -1.44 -31.29
O14 TA1 J . -7.10 -0.99 -30.68
C31 TA1 J . -6.23 -2.63 -32.16
C32 TA1 J . -5.49 -3.80 -31.96
C33 TA1 J . -5.62 -4.91 -32.85
C34 TA1 J . -6.51 -4.84 -33.95
C35 TA1 J . -7.25 -3.68 -34.15
C36 TA1 J . -7.13 -2.59 -33.29
C37 TA1 J . -4.32 0.09 -28.99
C38 TA1 J . -4.72 1.08 -28.09
C39 TA1 J . -4.48 0.92 -26.69
C40 TA1 J . -3.84 -0.24 -26.22
C41 TA1 J . -3.45 -1.21 -27.12
C42 TA1 J . -3.69 -1.07 -28.51
C43 TA1 J . -6.94 1.94 -34.14
C44 TA1 J . -3.85 4.21 -34.10
C45 TA1 J . -6.77 2.89 -36.60
C46 TA1 J . -6.09 1.58 -37.18
C47 TA1 J . -7.57 3.42 -37.81
#